data_9N0B
#
_entry.id   9N0B
#
_cell.length_a   1.00
_cell.length_b   1.00
_cell.length_c   1.00
_cell.angle_alpha   90.00
_cell.angle_beta   90.00
_cell.angle_gamma   90.00
#
_symmetry.space_group_name_H-M   'P 1'
#
_entity_poly.entity_id   1
_entity_poly.type   'polypeptide(L)'
_entity_poly.pdbx_seq_one_letter_code
;MATSLFKLVMSATTSTTTDTNPEVERYFYRLNPAQRTSGTLTIPSTSFTNSSGAAVTSNIVTAATDNGYYLLFINGAFQE
TSLFTVAASQVRITQTSLVPTSAPITLVVNNFAPTSTSTTTVRS
;
_entity_poly.pdbx_strand_id   A,B,C,D,E,F,G,H,I
#
# COMPACT_ATOMS: atom_id res chain seq x y z
N THR A 3 -19.14 -0.92 56.31
CA THR A 3 -18.51 0.30 56.78
C THR A 3 -18.16 1.15 55.56
N SER A 4 -18.35 0.57 54.38
CA SER A 4 -17.99 1.24 53.14
C SER A 4 -19.23 1.39 52.26
N LEU A 5 -19.17 2.37 51.37
CA LEU A 5 -20.24 2.57 50.41
C LEU A 5 -20.40 1.35 49.52
N PHE A 6 -21.64 0.98 49.23
CA PHE A 6 -21.97 -0.19 48.44
C PHE A 6 -22.44 0.27 47.07
N LYS A 7 -21.87 -0.31 46.03
CA LYS A 7 -22.19 0.06 44.66
C LYS A 7 -22.54 -1.17 43.84
N LEU A 8 -23.26 -0.93 42.74
CA LEU A 8 -23.69 -1.98 41.84
C LEU A 8 -22.54 -2.36 40.92
N VAL A 9 -22.38 -3.66 40.68
CA VAL A 9 -21.29 -4.17 39.85
C VAL A 9 -21.88 -4.70 38.55
N MET A 10 -21.45 -4.14 37.43
CA MET A 10 -21.82 -4.61 36.11
C MET A 10 -20.65 -4.46 35.17
N SER A 11 -20.64 -5.27 34.12
CA SER A 11 -19.54 -5.29 33.16
C SER A 11 -20.12 -5.48 31.76
N ALA A 12 -19.29 -5.21 30.76
CA ALA A 12 -19.74 -5.18 29.38
C ALA A 12 -18.76 -5.93 28.50
N THR A 13 -19.11 -6.07 27.23
CA THR A 13 -18.28 -6.73 26.23
C THR A 13 -18.50 -6.04 24.89
N THR A 14 -17.41 -5.76 24.18
CA THR A 14 -17.45 -5.03 22.93
C THR A 14 -16.77 -5.83 21.83
N SER A 15 -17.43 -5.92 20.68
CA SER A 15 -16.88 -6.56 19.49
C SER A 15 -16.81 -5.52 18.39
N THR A 16 -15.65 -5.39 17.76
CA THR A 16 -15.40 -4.35 16.77
C THR A 16 -14.88 -4.98 15.48
N THR A 17 -15.40 -4.52 14.35
CA THR A 17 -14.96 -4.95 13.04
C THR A 17 -14.47 -3.75 12.27
N THR A 18 -13.30 -3.87 11.65
CA THR A 18 -12.66 -2.76 10.94
C THR A 18 -12.34 -3.18 9.52
N ASP A 19 -12.72 -2.35 8.55
CA ASP A 19 -12.38 -2.54 7.16
C ASP A 19 -11.59 -1.33 6.68
N THR A 20 -10.46 -1.58 6.03
CA THR A 20 -9.62 -0.49 5.56
C THR A 20 -10.34 0.34 4.50
N ASN A 21 -11.06 -0.32 3.60
CA ASN A 21 -11.76 0.33 2.50
C ASN A 21 -10.84 1.24 1.68
N PRO A 22 -9.75 0.70 1.14
CA PRO A 22 -8.83 1.54 0.35
C PRO A 22 -9.47 1.96 -0.96
N GLU A 23 -9.03 3.10 -1.46
CA GLU A 23 -9.25 3.46 -2.85
C GLU A 23 -7.99 4.14 -3.36
N VAL A 24 -7.52 3.70 -4.52
CA VAL A 24 -6.22 4.09 -5.05
C VAL A 24 -6.44 4.88 -6.32
N GLU A 25 -5.80 6.04 -6.41
CA GLU A 25 -5.94 6.93 -7.55
C GLU A 25 -4.65 6.88 -8.36
N ARG A 26 -4.79 6.72 -9.67
CA ARG A 26 -3.65 6.65 -10.57
C ARG A 26 -3.77 7.69 -11.66
N TYR A 27 -2.63 8.28 -12.02
CA TYR A 27 -2.57 9.31 -13.03
C TYR A 27 -1.39 9.05 -13.95
N PHE A 28 -1.44 9.60 -15.15
CA PHE A 28 -0.46 9.30 -16.17
C PHE A 28 -0.15 10.55 -16.98
N TYR A 29 1.07 10.60 -17.52
CA TYR A 29 1.50 11.76 -18.29
C TYR A 29 2.65 11.36 -19.20
N ARG A 30 2.57 11.80 -20.45
CA ARG A 30 3.64 11.66 -21.42
C ARG A 30 4.36 13.00 -21.52
N LEU A 31 5.68 12.98 -21.45
CA LEU A 31 6.45 14.21 -21.31
C LEU A 31 6.67 14.87 -22.67
N ASN A 32 6.12 16.03 -22.83
CA ASN A 32 6.53 16.80 -23.99
C ASN A 32 7.42 17.96 -23.55
N PRO A 33 8.38 18.36 -24.38
CA PRO A 33 9.26 19.48 -23.98
C PRO A 33 8.55 20.81 -24.09
N ALA A 34 7.34 20.89 -23.54
CA ALA A 34 6.55 22.11 -23.57
C ALA A 34 6.56 22.82 -22.22
N GLN A 35 6.21 22.12 -21.16
CA GLN A 35 6.25 22.70 -19.81
C GLN A 35 7.59 22.45 -19.16
N ARG A 36 8.65 22.79 -19.89
CA ARG A 36 10.02 22.46 -19.50
C ARG A 36 10.81 23.76 -19.37
N THR A 37 11.70 23.80 -18.38
CA THR A 37 12.39 25.03 -18.03
C THR A 37 13.78 24.66 -17.52
N SER A 38 14.43 25.62 -16.85
CA SER A 38 15.79 25.43 -16.36
C SER A 38 15.82 24.43 -15.21
N GLY A 39 15.79 23.14 -15.55
CA GLY A 39 15.83 22.09 -14.55
C GLY A 39 14.59 22.06 -13.68
N THR A 40 13.43 22.22 -14.30
CA THR A 40 12.16 22.15 -13.56
C THR A 40 11.02 21.80 -14.51
N LEU A 41 10.11 20.95 -14.06
CA LEU A 41 9.02 20.45 -14.89
C LEU A 41 7.71 20.63 -14.14
N THR A 42 6.97 21.68 -14.48
CA THR A 42 5.68 21.97 -13.86
C THR A 42 4.60 21.46 -14.80
N ILE A 43 3.84 20.48 -14.36
CA ILE A 43 2.81 19.85 -15.18
C ILE A 43 1.45 20.37 -14.74
N PRO A 44 0.67 20.96 -15.64
CA PRO A 44 -0.69 21.37 -15.26
C PRO A 44 -1.53 20.16 -14.87
N SER A 45 -2.40 20.37 -13.88
CA SER A 45 -3.25 19.30 -13.42
C SER A 45 -4.24 18.84 -14.48
N THR A 46 -4.43 19.60 -15.54
CA THR A 46 -5.39 19.27 -16.58
C THR A 46 -4.88 18.23 -17.56
N SER A 47 -3.57 17.98 -17.60
CA SER A 47 -2.99 17.11 -18.61
C SER A 47 -2.91 15.64 -18.19
N PHE A 48 -3.41 15.29 -17.00
CA PHE A 48 -3.31 13.93 -16.53
C PHE A 48 -4.51 13.10 -17.00
N THR A 49 -4.30 11.79 -17.09
CA THR A 49 -5.34 10.84 -17.46
C THR A 49 -5.52 9.83 -16.34
N ASN A 50 -6.77 9.51 -16.04
CA ASN A 50 -7.08 8.67 -14.89
C ASN A 50 -6.86 7.20 -15.22
N SER A 51 -7.20 6.33 -14.26
CA SER A 51 -7.11 4.90 -14.46
C SER A 51 -8.15 4.38 -15.43
N SER A 52 -9.16 5.18 -15.76
CA SER A 52 -10.16 4.80 -16.74
C SER A 52 -9.77 5.20 -18.14
N GLY A 53 -8.57 5.73 -18.33
CA GLY A 53 -8.15 6.20 -19.64
C GLY A 53 -8.74 7.53 -20.04
N ALA A 54 -9.37 8.24 -19.12
CA ALA A 54 -9.99 9.52 -19.40
C ALA A 54 -9.20 10.64 -18.74
N ALA A 55 -9.15 11.78 -19.43
CA ALA A 55 -8.44 12.93 -18.89
C ALA A 55 -9.18 13.47 -17.66
N VAL A 56 -8.40 13.90 -16.67
CA VAL A 56 -8.98 14.50 -15.48
C VAL A 56 -9.53 15.88 -15.84
N THR A 57 -10.59 16.28 -15.13
CA THR A 57 -11.34 17.47 -15.49
C THR A 57 -10.96 18.68 -14.64
N SER A 58 -11.11 18.58 -13.33
CA SER A 58 -10.95 19.75 -12.48
C SER A 58 -9.74 19.69 -11.57
N ASN A 59 -9.60 18.65 -10.75
CA ASN A 59 -8.50 18.61 -9.81
C ASN A 59 -8.09 17.18 -9.53
N ILE A 60 -6.83 17.03 -9.12
CA ILE A 60 -6.29 15.75 -8.72
C ILE A 60 -6.56 15.55 -7.23
N VAL A 61 -6.86 14.31 -6.86
CA VAL A 61 -7.13 14.00 -5.45
C VAL A 61 -5.81 13.96 -4.71
N THR A 62 -5.62 14.90 -3.78
CA THR A 62 -4.41 14.95 -3.01
C THR A 62 -4.37 13.78 -2.01
N ALA A 63 -3.21 13.63 -1.36
CA ALA A 63 -3.10 12.65 -0.30
C ALA A 63 -4.08 12.98 0.82
N ALA A 64 -4.79 11.96 1.30
CA ALA A 64 -5.69 12.16 2.42
C ALA A 64 -4.92 12.65 3.63
N THR A 65 -5.50 13.58 4.37
CA THR A 65 -4.82 14.18 5.50
C THR A 65 -4.52 13.13 6.55
N ASP A 66 -3.23 12.89 6.78
CA ASP A 66 -2.74 11.96 7.78
C ASP A 66 -3.37 10.58 7.55
N ASN A 67 -3.53 10.19 6.28
CA ASN A 67 -4.05 8.85 6.02
C ASN A 67 -3.47 8.21 4.76
N GLY A 68 -2.40 8.75 4.19
CA GLY A 68 -1.99 8.26 2.90
C GLY A 68 -0.54 8.57 2.59
N TYR A 69 -0.15 8.29 1.34
CA TYR A 69 1.23 8.45 0.91
C TYR A 69 1.26 8.53 -0.61
N TYR A 70 2.44 8.87 -1.14
CA TYR A 70 2.63 9.07 -2.56
C TYR A 70 3.71 8.15 -3.09
N LEU A 71 3.55 7.71 -4.34
CA LEU A 71 4.59 7.03 -5.09
C LEU A 71 4.71 7.70 -6.45
N LEU A 72 5.95 7.92 -6.88
CA LEU A 72 6.24 8.58 -8.15
C LEU A 72 7.11 7.69 -9.01
N PHE A 73 6.71 7.50 -10.26
CA PHE A 73 7.44 6.68 -11.21
C PHE A 73 7.86 7.53 -12.41
N ILE A 74 9.15 7.53 -12.69
CA ILE A 74 9.70 8.18 -13.89
C ILE A 74 10.61 7.18 -14.58
N ASN A 75 10.27 6.81 -15.81
CA ASN A 75 11.04 5.85 -16.59
C ASN A 75 11.30 4.55 -15.83
N GLY A 76 10.37 4.18 -14.96
CA GLY A 76 10.47 2.94 -14.22
C GLY A 76 11.39 2.97 -13.02
N ALA A 77 11.96 4.12 -12.69
CA ALA A 77 12.85 4.25 -11.54
C ALA A 77 12.12 5.02 -10.44
N PHE A 78 12.08 4.44 -9.25
CA PHE A 78 11.34 5.05 -8.16
C PHE A 78 12.06 6.29 -7.66
N GLN A 79 11.30 7.25 -7.16
CA GLN A 79 11.85 8.55 -6.80
C GLN A 79 11.59 8.88 -5.33
N GLU A 80 12.21 9.96 -4.87
CA GLU A 80 12.07 10.39 -3.49
C GLU A 80 10.89 11.35 -3.35
N THR A 81 10.40 11.48 -2.11
CA THR A 81 9.39 12.49 -1.83
C THR A 81 9.93 13.89 -2.02
N SER A 82 11.24 14.06 -1.81
CA SER A 82 11.86 15.37 -1.94
C SER A 82 11.90 15.85 -3.39
N LEU A 83 12.02 14.94 -4.34
CA LEU A 83 12.20 15.31 -5.74
C LEU A 83 10.98 16.03 -6.33
N PHE A 84 9.81 15.89 -5.72
CA PHE A 84 8.60 16.43 -6.33
C PHE A 84 7.66 16.92 -5.24
N THR A 85 6.82 17.88 -5.61
CA THR A 85 5.77 18.38 -4.75
C THR A 85 4.44 18.29 -5.49
N VAL A 86 3.40 17.87 -4.78
CA VAL A 86 2.10 17.63 -5.37
C VAL A 86 1.12 18.62 -4.77
N ALA A 87 0.45 19.37 -5.63
CA ALA A 87 -0.56 20.32 -5.19
C ALA A 87 -1.90 20.02 -5.85
N ALA A 88 -2.96 20.70 -5.41
CA ALA A 88 -4.28 20.43 -5.95
C ALA A 88 -4.36 20.81 -7.43
N SER A 89 -3.79 21.96 -7.79
CA SER A 89 -3.94 22.49 -9.13
C SER A 89 -2.74 22.23 -10.03
N GLN A 90 -1.64 21.71 -9.51
CA GLN A 90 -0.46 21.51 -10.33
C GLN A 90 0.48 20.50 -9.69
N VAL A 91 1.38 19.97 -10.51
CA VAL A 91 2.44 19.06 -10.07
C VAL A 91 3.73 19.55 -10.70
N ARG A 92 4.78 19.67 -9.89
CA ARG A 92 6.06 20.14 -10.40
C ARG A 92 7.19 19.29 -9.84
N ILE A 93 8.20 19.05 -10.67
CA ILE A 93 9.35 18.23 -10.32
C ILE A 93 10.62 18.96 -10.74
N THR A 94 11.65 18.89 -9.90
CA THR A 94 12.95 19.47 -10.22
C THR A 94 13.88 18.39 -10.77
N GLN A 95 15.06 18.84 -11.23
CA GLN A 95 16.11 17.96 -11.76
C GLN A 95 15.60 17.16 -12.96
N THR A 96 14.92 17.83 -13.89
CA THR A 96 14.36 17.18 -15.06
C THR A 96 15.04 17.59 -16.36
N SER A 97 16.31 18.00 -16.28
CA SER A 97 17.01 18.43 -17.48
C SER A 97 17.19 17.28 -18.47
N LEU A 98 17.52 16.09 -17.99
CA LEU A 98 17.95 15.01 -18.85
C LEU A 98 16.83 14.10 -19.32
N VAL A 99 15.67 14.13 -18.67
CA VAL A 99 14.61 13.18 -18.98
C VAL A 99 14.12 13.40 -20.41
N PRO A 100 13.96 12.36 -21.21
CA PRO A 100 13.71 12.53 -22.65
C PRO A 100 12.24 12.82 -22.95
N THR A 101 11.98 13.05 -24.23
CA THR A 101 10.64 13.38 -24.71
C THR A 101 9.76 12.15 -24.71
N SER A 102 8.45 12.36 -24.52
CA SER A 102 7.44 11.30 -24.55
C SER A 102 7.64 10.29 -23.44
N ALA A 103 8.43 10.62 -22.45
CA ALA A 103 8.68 9.68 -21.36
C ALA A 103 7.43 9.51 -20.50
N PRO A 104 7.22 8.31 -19.96
CA PRO A 104 6.08 8.10 -19.08
C PRO A 104 6.40 8.49 -17.64
N ILE A 105 5.48 9.22 -17.02
CA ILE A 105 5.55 9.57 -15.62
C ILE A 105 4.26 9.11 -14.96
N THR A 106 4.38 8.32 -13.90
CA THR A 106 3.23 7.78 -13.19
C THR A 106 3.24 8.28 -11.76
N LEU A 107 2.12 8.86 -11.34
CA LEU A 107 1.96 9.32 -9.97
C LEU A 107 0.92 8.44 -9.30
N VAL A 108 1.30 7.83 -8.18
CA VAL A 108 0.45 6.90 -7.46
C VAL A 108 0.04 7.55 -6.15
N VAL A 109 -1.27 7.63 -5.92
CA VAL A 109 -1.82 8.23 -4.72
C VAL A 109 -2.64 7.16 -4.02
N ASN A 110 -2.22 6.77 -2.81
CA ASN A 110 -2.94 5.81 -2.00
C ASN A 110 -3.70 6.57 -0.93
N ASN A 111 -5.01 6.36 -0.87
CA ASN A 111 -5.85 6.96 0.14
C ASN A 111 -6.62 5.85 0.85
N PHE A 112 -6.65 5.90 2.17
CA PHE A 112 -7.33 4.91 2.98
C PHE A 112 -8.43 5.59 3.78
N ALA A 113 -9.61 4.99 3.79
CA ALA A 113 -10.77 5.51 4.52
C ALA A 113 -11.33 4.37 5.36
N PRO A 114 -10.68 4.06 6.48
CA PRO A 114 -11.16 2.97 7.32
C PRO A 114 -12.53 3.27 7.90
N THR A 115 -13.30 2.21 8.10
CA THR A 115 -14.58 2.29 8.77
C THR A 115 -14.67 1.18 9.80
N SER A 116 -15.45 1.40 10.85
CA SER A 116 -15.59 0.42 11.90
C SER A 116 -16.92 0.61 12.61
N THR A 117 -17.58 -0.49 12.92
CA THR A 117 -18.79 -0.49 13.72
C THR A 117 -18.62 -1.48 14.86
N SER A 118 -19.29 -1.23 15.97
CA SER A 118 -19.09 -2.02 17.18
C SER A 118 -20.43 -2.30 17.84
N THR A 119 -20.46 -3.36 18.64
CA THR A 119 -21.61 -3.73 19.43
C THR A 119 -21.16 -3.99 20.86
N THR A 120 -21.96 -3.53 21.82
CA THR A 120 -21.63 -3.67 23.23
C THR A 120 -22.78 -4.37 23.95
N THR A 121 -22.46 -5.42 24.70
CA THR A 121 -23.43 -6.16 25.49
C THR A 121 -23.11 -5.96 26.96
N VAL A 122 -24.09 -5.49 27.72
CA VAL A 122 -23.94 -5.24 29.14
C VAL A 122 -24.91 -6.14 29.89
N ARG A 123 -24.40 -6.86 30.88
CA ARG A 123 -25.22 -7.74 31.70
C ARG A 123 -25.19 -7.26 33.14
N SER A 124 -26.22 -7.65 33.89
CA SER A 124 -26.34 -7.23 35.28
C SER A 124 -26.32 -8.42 36.24
N THR B 3 -72.08 16.07 105.89
CA THR B 3 -72.83 17.19 105.36
C THR B 3 -72.80 17.10 103.85
N SER B 4 -72.09 16.08 103.35
CA SER B 4 -71.97 15.85 101.92
C SER B 4 -72.35 14.42 101.60
N LEU B 5 -72.79 14.20 100.36
CA LEU B 5 -73.16 12.86 99.92
C LEU B 5 -71.96 11.93 100.02
N PHE B 6 -72.21 10.71 100.51
CA PHE B 6 -71.16 9.73 100.71
C PHE B 6 -71.26 8.68 99.62
N LYS B 7 -70.17 8.48 98.88
CA LYS B 7 -70.13 7.52 97.79
C LYS B 7 -69.05 6.47 98.05
N LEU B 8 -69.24 5.32 97.42
CA LEU B 8 -68.31 4.21 97.52
C LEU B 8 -67.03 4.55 96.76
N VAL B 9 -65.90 4.07 97.25
CA VAL B 9 -64.62 4.31 96.61
C VAL B 9 -64.12 3.01 96.01
N MET B 10 -63.81 3.02 94.72
CA MET B 10 -63.28 1.86 94.04
C MET B 10 -62.29 2.31 92.97
N SER B 11 -61.48 1.37 92.50
CA SER B 11 -60.50 1.63 91.46
C SER B 11 -60.21 0.33 90.73
N ALA B 12 -59.58 0.45 89.55
CA ALA B 12 -59.35 -0.68 88.68
C ALA B 12 -57.94 -0.65 88.14
N THR B 13 -57.57 -1.69 87.39
CA THR B 13 -56.26 -1.80 86.78
C THR B 13 -56.41 -2.54 85.46
N THR B 14 -55.74 -2.04 84.43
CA THR B 14 -55.86 -2.56 83.08
C THR B 14 -54.48 -2.89 82.51
N SER B 15 -54.38 -4.03 81.84
CA SER B 15 -53.17 -4.44 81.14
C SER B 15 -53.54 -4.74 79.69
N THR B 16 -52.76 -4.21 78.75
CA THR B 16 -53.08 -4.29 77.34
C THR B 16 -51.87 -4.80 76.57
N THR B 17 -52.11 -5.75 75.65
CA THR B 17 -51.09 -6.28 74.77
C THR B 17 -51.49 -6.01 73.33
N THR B 18 -50.57 -5.48 72.54
CA THR B 18 -50.85 -5.10 71.16
C THR B 18 -49.86 -5.78 70.22
N ASP B 19 -50.38 -6.37 69.15
CA ASP B 19 -49.57 -6.98 68.11
C ASP B 19 -49.91 -6.32 66.78
N THR B 20 -48.90 -5.98 66.00
CA THR B 20 -49.13 -5.25 64.76
C THR B 20 -49.78 -6.12 63.70
N ASN B 21 -49.41 -7.41 63.65
CA ASN B 21 -49.89 -8.33 62.62
C ASN B 21 -49.67 -7.79 61.20
N PRO B 22 -48.44 -7.47 60.84
CA PRO B 22 -48.19 -6.97 59.48
C PRO B 22 -48.36 -8.08 58.46
N GLU B 23 -48.91 -7.71 57.31
CA GLU B 23 -48.84 -8.55 56.12
C GLU B 23 -48.51 -7.65 54.94
N VAL B 24 -47.52 -8.05 54.16
CA VAL B 24 -46.95 -7.21 53.12
C VAL B 24 -47.22 -7.89 51.78
N GLU B 25 -47.81 -7.16 50.85
CA GLU B 25 -48.12 -7.67 49.52
C GLU B 25 -47.06 -7.19 48.55
N ARG B 26 -46.51 -8.11 47.78
CA ARG B 26 -45.50 -7.80 46.78
C ARG B 26 -45.98 -8.23 45.41
N TYR B 27 -45.73 -7.36 44.42
CA TYR B 27 -46.16 -7.60 43.05
C TYR B 27 -45.01 -7.25 42.11
N PHE B 28 -45.01 -7.90 40.95
CA PHE B 28 -43.91 -7.75 40.01
C PHE B 28 -44.44 -7.63 38.59
N TYR B 29 -43.67 -6.96 37.75
CA TYR B 29 -44.03 -6.75 36.37
C TYR B 29 -42.79 -6.49 35.53
N ARG B 30 -42.76 -7.07 34.34
CA ARG B 30 -41.73 -6.80 33.35
C ARG B 30 -42.34 -5.95 32.24
N LEU B 31 -41.67 -4.86 31.90
CA LEU B 31 -42.26 -3.86 31.02
C LEU B 31 -42.15 -4.30 29.57
N ASN B 32 -43.26 -4.51 28.95
CA ASN B 32 -43.19 -4.62 27.50
C ASN B 32 -43.79 -3.38 26.85
N PRO B 33 -43.32 -3.01 25.65
CA PRO B 33 -43.88 -1.81 25.00
C PRO B 33 -45.25 -2.09 24.41
N ALA B 34 -46.13 -2.72 25.20
CA ALA B 34 -47.47 -3.04 24.76
C ALA B 34 -48.49 -2.07 25.34
N GLN B 35 -48.51 -1.90 26.66
CA GLN B 35 -49.41 -0.95 27.30
C GLN B 35 -48.74 0.41 27.46
N ARG B 36 -48.18 0.91 26.36
CA ARG B 36 -47.35 2.10 26.36
C ARG B 36 -47.98 3.12 25.43
N THR B 37 -47.94 4.38 25.84
CA THR B 37 -48.64 5.46 25.13
C THR B 37 -47.79 6.73 25.25
N SER B 38 -48.42 7.87 24.96
CA SER B 38 -47.73 9.16 24.97
C SER B 38 -47.34 9.56 26.37
N GLY B 39 -46.25 9.00 26.88
CA GLY B 39 -45.77 9.31 28.21
C GLY B 39 -46.70 8.85 29.30
N THR B 40 -47.25 7.65 29.15
CA THR B 40 -48.11 7.07 30.18
C THR B 40 -48.10 5.56 30.07
N LEU B 41 -48.08 4.88 31.22
CA LEU B 41 -47.98 3.43 31.27
C LEU B 41 -49.09 2.89 32.16
N THR B 42 -50.17 2.41 31.54
CA THR B 42 -51.30 1.85 32.27
C THR B 42 -51.15 0.33 32.23
N ILE B 43 -50.90 -0.26 33.39
CA ILE B 43 -50.66 -1.69 33.49
C ILE B 43 -51.94 -2.36 33.96
N PRO B 44 -52.48 -3.34 33.22
CA PRO B 44 -53.63 -4.08 33.73
C PRO B 44 -53.28 -4.82 34.99
N SER B 45 -54.25 -4.88 35.91
CA SER B 45 -54.03 -5.56 37.18
C SER B 45 -53.85 -7.06 37.01
N THR B 46 -54.16 -7.62 35.84
CA THR B 46 -54.07 -9.05 35.62
C THR B 46 -52.65 -9.52 35.32
N SER B 47 -51.73 -8.60 35.03
CA SER B 47 -50.39 -8.98 34.58
C SER B 47 -49.37 -9.08 35.70
N PHE B 48 -49.76 -8.87 36.95
CA PHE B 48 -48.82 -8.89 38.05
C PHE B 48 -48.65 -10.31 38.59
N THR B 49 -47.51 -10.55 39.22
CA THR B 49 -47.20 -11.83 39.84
C THR B 49 -47.05 -11.65 41.34
N ASN B 50 -47.68 -12.54 42.10
CA ASN B 50 -47.74 -12.40 43.54
C ASN B 50 -46.42 -12.80 44.19
N SER B 51 -46.40 -12.75 45.53
CA SER B 51 -45.22 -13.15 46.29
C SER B 51 -45.00 -14.66 46.25
N SER B 52 -45.94 -15.42 45.72
CA SER B 52 -45.75 -16.85 45.50
C SER B 52 -45.20 -17.15 44.11
N GLY B 53 -44.90 -16.12 43.31
CA GLY B 53 -44.47 -16.34 41.96
C GLY B 53 -45.57 -16.69 40.99
N ALA B 54 -46.83 -16.50 41.38
CA ALA B 54 -47.97 -16.81 40.53
C ALA B 54 -48.71 -15.54 40.15
N ALA B 55 -49.34 -15.58 38.99
CA ALA B 55 -50.10 -14.43 38.52
C ALA B 55 -51.32 -14.18 39.40
N VAL B 56 -51.61 -12.90 39.62
CA VAL B 56 -52.81 -12.54 40.37
C VAL B 56 -54.04 -12.76 39.50
N THR B 57 -55.15 -13.13 40.14
CA THR B 57 -56.35 -13.54 39.44
C THR B 57 -57.34 -12.40 39.24
N SER B 58 -57.84 -11.83 40.32
CA SER B 58 -58.96 -10.89 40.23
C SER B 58 -58.57 -9.46 40.51
N ASN B 59 -57.97 -9.16 41.64
CA ASN B 59 -57.65 -7.78 41.97
C ASN B 59 -56.43 -7.72 42.87
N ILE B 60 -55.76 -6.59 42.82
CA ILE B 60 -54.64 -6.31 43.71
C ILE B 60 -55.20 -5.74 45.01
N VAL B 61 -54.52 -6.02 46.11
CA VAL B 61 -54.95 -5.52 47.41
C VAL B 61 -54.49 -4.08 47.54
N THR B 62 -55.44 -3.16 47.60
CA THR B 62 -55.10 -1.76 47.76
C THR B 62 -54.53 -1.51 49.15
N ALA B 63 -54.01 -0.30 49.35
CA ALA B 63 -53.54 0.08 50.67
C ALA B 63 -54.71 0.05 51.65
N ALA B 64 -54.50 -0.56 52.80
CA ALA B 64 -55.53 -0.55 53.83
C ALA B 64 -55.85 0.88 54.19
N THR B 65 -57.15 1.17 54.32
CA THR B 65 -57.59 2.53 54.59
C THR B 65 -56.97 3.04 55.88
N ASP B 66 -56.32 4.20 55.81
CA ASP B 66 -55.83 4.91 56.99
C ASP B 66 -54.68 4.15 57.65
N ASN B 67 -54.37 2.94 57.19
CA ASN B 67 -53.48 2.07 57.94
C ASN B 67 -52.35 1.48 57.10
N GLY B 68 -51.83 2.20 56.10
CA GLY B 68 -50.79 1.62 55.29
C GLY B 68 -50.12 2.65 54.40
N TYR B 69 -49.22 2.16 53.54
CA TYR B 69 -48.47 3.03 52.65
C TYR B 69 -47.96 2.22 51.47
N TYR B 70 -47.51 2.95 50.44
CA TYR B 70 -47.05 2.35 49.19
C TYR B 70 -45.57 2.65 48.97
N LEU B 71 -44.89 1.74 48.29
CA LEU B 71 -43.54 1.95 47.77
C LEU B 71 -43.48 1.46 46.34
N LEU B 72 -42.76 2.20 45.50
CA LEU B 72 -42.66 1.88 44.08
C LEU B 72 -41.19 1.83 43.67
N PHE B 73 -40.81 0.76 42.98
CA PHE B 73 -39.46 0.60 42.44
C PHE B 73 -39.52 0.54 40.92
N ILE B 74 -38.70 1.36 40.27
CA ILE B 74 -38.48 1.29 38.84
C ILE B 74 -36.98 1.30 38.60
N ASN B 75 -36.47 0.21 38.04
CA ASN B 75 -35.03 0.06 37.77
C ASN B 75 -34.18 0.32 38.99
N GLY B 76 -34.71 0.00 40.18
CA GLY B 76 -33.97 0.19 41.40
C GLY B 76 -33.93 1.60 41.94
N ALA B 77 -34.63 2.53 41.31
CA ALA B 77 -34.68 3.91 41.77
C ALA B 77 -36.04 4.17 42.39
N PHE B 78 -36.04 4.68 43.62
CA PHE B 78 -37.28 4.89 44.33
C PHE B 78 -38.02 6.09 43.74
N GLN B 79 -39.34 6.09 43.89
CA GLN B 79 -40.18 7.08 43.21
C GLN B 79 -41.09 7.80 44.20
N GLU B 80 -41.87 8.74 43.67
CA GLU B 80 -42.77 9.54 44.47
C GLU B 80 -44.17 8.96 44.46
N THR B 81 -44.98 9.35 45.45
CA THR B 81 -46.38 9.00 45.43
C THR B 81 -47.11 9.69 44.28
N SER B 82 -46.62 10.87 43.89
CA SER B 82 -47.24 11.62 42.82
C SER B 82 -47.07 10.96 41.47
N LEU B 83 -45.98 10.24 41.26
CA LEU B 83 -45.66 9.70 39.95
C LEU B 83 -46.63 8.62 39.49
N PHE B 84 -47.42 8.04 40.39
CA PHE B 84 -48.26 6.93 40.01
C PHE B 84 -49.52 6.92 40.87
N THR B 85 -50.56 6.28 40.35
CA THR B 85 -51.80 6.06 41.08
C THR B 85 -52.13 4.58 41.05
N VAL B 86 -52.65 4.07 42.16
CA VAL B 86 -52.93 2.66 42.31
C VAL B 86 -54.43 2.48 42.53
N ALA B 87 -55.06 1.66 41.70
CA ALA B 87 -56.46 1.36 41.85
C ALA B 87 -56.67 -0.15 41.91
N ALA B 88 -57.88 -0.59 42.22
CA ALA B 88 -58.14 -2.01 42.36
C ALA B 88 -57.96 -2.74 41.04
N SER B 89 -58.47 -2.17 39.94
CA SER B 89 -58.51 -2.85 38.67
C SER B 89 -57.32 -2.52 37.77
N GLN B 90 -56.49 -1.55 38.13
CA GLN B 90 -55.42 -1.15 37.24
C GLN B 90 -54.39 -0.31 37.98
N VAL B 91 -53.22 -0.19 37.38
CA VAL B 91 -52.13 0.66 37.85
C VAL B 91 -51.60 1.45 36.67
N ARG B 92 -51.46 2.75 36.83
CA ARG B 92 -50.96 3.58 35.75
C ARG B 92 -49.91 4.56 36.26
N ILE B 93 -48.89 4.81 35.43
CA ILE B 93 -47.78 5.69 35.77
C ILE B 93 -47.52 6.63 34.61
N THR B 94 -47.22 7.88 34.93
CA THR B 94 -46.86 8.87 33.93
C THR B 94 -45.35 9.01 33.84
N GLN B 95 -44.90 9.77 32.83
CA GLN B 95 -43.47 10.05 32.61
C GLN B 95 -42.67 8.77 32.38
N THR B 96 -43.22 7.87 31.57
CA THR B 96 -42.58 6.59 31.28
C THR B 96 -42.07 6.49 29.85
N SER B 97 -41.73 7.62 29.23
CA SER B 97 -41.28 7.60 27.85
C SER B 97 -39.96 6.86 27.70
N LEU B 98 -39.02 7.09 28.61
CA LEU B 98 -37.64 6.64 28.41
C LEU B 98 -37.35 5.29 29.02
N VAL B 99 -38.23 4.75 29.85
CA VAL B 99 -37.94 3.48 30.54
C VAL B 99 -37.86 2.36 29.52
N PRO B 100 -36.86 1.49 29.58
CA PRO B 100 -36.61 0.52 28.51
C PRO B 100 -37.49 -0.71 28.61
N THR B 101 -37.36 -1.57 27.60
CA THR B 101 -38.16 -2.79 27.51
C THR B 101 -37.67 -3.83 28.52
N SER B 102 -38.59 -4.68 28.97
CA SER B 102 -38.31 -5.78 29.90
C SER B 102 -37.80 -5.27 31.24
N ALA B 103 -38.05 -4.02 31.56
CA ALA B 103 -37.55 -3.45 32.80
C ALA B 103 -38.31 -4.02 33.99
N PRO B 104 -37.67 -4.10 35.15
CA PRO B 104 -38.36 -4.58 36.35
C PRO B 104 -39.04 -3.43 37.07
N ILE B 105 -40.31 -3.65 37.40
CA ILE B 105 -41.09 -2.71 38.20
C ILE B 105 -41.63 -3.47 39.40
N THR B 106 -41.37 -2.95 40.59
CA THR B 106 -41.82 -3.56 41.83
C THR B 106 -42.69 -2.58 42.59
N LEU B 107 -43.88 -3.03 42.99
CA LEU B 107 -44.81 -2.23 43.76
C LEU B 107 -44.98 -2.90 45.11
N VAL B 108 -44.72 -2.15 46.17
CA VAL B 108 -44.72 -2.67 47.53
C VAL B 108 -45.91 -2.09 48.28
N VAL B 109 -46.75 -2.96 48.82
CA VAL B 109 -47.91 -2.56 49.60
C VAL B 109 -47.69 -3.05 51.03
N ASN B 110 -47.69 -2.12 51.97
CA ASN B 110 -47.61 -2.44 53.39
C ASN B 110 -48.97 -2.19 54.02
N ASN B 111 -49.54 -3.23 54.61
CA ASN B 111 -50.82 -3.13 55.31
C ASN B 111 -50.64 -3.68 56.71
N PHE B 112 -51.08 -2.92 57.70
CA PHE B 112 -50.99 -3.31 59.10
C PHE B 112 -52.39 -3.48 59.66
N ALA B 113 -52.61 -4.59 60.37
CA ALA B 113 -53.90 -4.88 60.99
C ALA B 113 -53.64 -5.17 62.46
N PRO B 114 -53.42 -4.13 63.26
CA PRO B 114 -53.12 -4.34 64.68
C PRO B 114 -54.28 -4.96 65.42
N THR B 115 -53.96 -5.73 66.45
CA THR B 115 -54.93 -6.31 67.34
C THR B 115 -54.52 -6.04 68.78
N SER B 116 -55.50 -5.99 69.66
CA SER B 116 -55.24 -5.73 71.06
C SER B 116 -56.33 -6.35 71.91
N THR B 117 -55.92 -7.04 72.98
CA THR B 117 -56.84 -7.55 73.98
C THR B 117 -56.36 -7.06 75.34
N SER B 118 -57.31 -6.88 76.26
CA SER B 118 -56.99 -6.28 77.55
C SER B 118 -57.75 -6.98 78.65
N THR B 119 -57.23 -6.86 79.87
CA THR B 119 -57.86 -7.41 81.07
C THR B 119 -57.94 -6.33 82.12
N THR B 120 -59.08 -6.24 82.81
CA THR B 120 -59.31 -5.23 83.82
C THR B 120 -59.63 -5.90 85.14
N THR B 121 -58.92 -5.52 86.18
CA THR B 121 -59.14 -6.04 87.53
C THR B 121 -59.64 -4.90 88.40
N VAL B 122 -60.79 -5.09 89.04
CA VAL B 122 -61.41 -4.09 89.89
C VAL B 122 -61.52 -4.66 91.29
N ARG B 123 -61.03 -3.91 92.27
CA ARG B 123 -61.13 -4.30 93.66
C ARG B 123 -61.99 -3.29 94.41
N SER B 124 -62.65 -3.76 95.46
CA SER B 124 -63.54 -2.92 96.25
C SER B 124 -62.87 -2.51 97.54
N THR C 3 12.27 -17.32 -9.01
CA THR C 3 13.40 -17.86 -8.27
C THR C 3 14.67 -17.23 -8.79
N SER C 4 14.54 -16.53 -9.93
CA SER C 4 15.69 -15.92 -10.59
C SER C 4 15.45 -14.43 -10.75
N LEU C 5 16.56 -13.71 -10.95
CA LEU C 5 16.48 -12.28 -11.18
C LEU C 5 15.68 -11.97 -12.44
N PHE C 6 14.92 -10.88 -12.40
CA PHE C 6 14.07 -10.49 -13.51
C PHE C 6 14.63 -9.20 -14.10
N LYS C 7 14.83 -9.19 -15.41
CA LYS C 7 15.42 -8.06 -16.12
C LYS C 7 14.50 -7.59 -17.23
N LEU C 8 14.85 -6.45 -17.81
CA LEU C 8 14.08 -5.85 -18.89
C LEU C 8 14.64 -6.29 -20.23
N VAL C 9 13.78 -6.73 -21.13
CA VAL C 9 14.20 -7.21 -22.44
C VAL C 9 14.01 -6.09 -23.45
N MET C 10 15.08 -5.75 -24.16
CA MET C 10 15.02 -4.74 -25.20
C MET C 10 15.97 -5.15 -26.31
N SER C 11 15.74 -4.59 -27.51
CA SER C 11 16.57 -4.92 -28.66
C SER C 11 16.62 -3.71 -29.58
N ALA C 12 17.59 -3.71 -30.49
CA ALA C 12 17.89 -2.56 -31.30
C ALA C 12 18.06 -2.97 -32.76
N THR C 13 18.21 -1.97 -33.62
CA THR C 13 18.45 -2.17 -35.05
C THR C 13 19.33 -1.04 -35.54
N THR C 14 20.35 -1.38 -36.34
CA THR C 14 21.34 -0.42 -36.80
C THR C 14 21.44 -0.49 -38.32
N SER C 15 21.43 0.69 -38.95
CA SER C 15 21.62 0.81 -40.40
C SER C 15 22.85 1.66 -40.64
N THR C 16 23.77 1.15 -41.46
CA THR C 16 25.06 1.77 -41.70
C THR C 16 25.27 1.99 -43.18
N THR C 17 25.75 3.17 -43.54
CA THR C 17 26.10 3.51 -44.92
C THR C 17 27.57 3.85 -44.98
N THR C 18 28.27 3.31 -45.97
CA THR C 18 29.71 3.49 -46.11
C THR C 18 30.03 3.99 -47.51
N ASP C 19 30.94 4.96 -47.60
CA ASP C 19 31.44 5.46 -48.86
C ASP C 19 32.96 5.45 -48.83
N THR C 20 33.57 4.82 -49.84
CA THR C 20 35.03 4.76 -49.87
C THR C 20 35.65 6.13 -49.98
N ASN C 21 35.08 6.99 -50.82
CA ASN C 21 35.58 8.35 -51.03
C ASN C 21 37.05 8.34 -51.43
N PRO C 22 37.38 7.82 -52.61
CA PRO C 22 38.78 7.75 -53.02
C PRO C 22 39.34 9.13 -53.36
N GLU C 23 40.66 9.20 -53.36
CA GLU C 23 41.36 10.34 -53.93
C GLU C 23 42.69 9.84 -54.47
N VAL C 24 42.98 10.18 -55.72
CA VAL C 24 44.11 9.62 -56.45
C VAL C 24 45.01 10.77 -56.85
N GLU C 25 46.30 10.64 -56.55
CA GLU C 25 47.28 11.66 -56.89
C GLU C 25 48.18 11.14 -58.00
N ARG C 26 48.39 11.96 -59.02
CA ARG C 26 49.23 11.59 -60.15
C ARG C 26 50.34 12.63 -60.34
N TYR C 27 51.56 12.14 -60.50
CA TYR C 27 52.72 12.97 -60.67
C TYR C 27 53.53 12.46 -61.84
N PHE C 28 53.98 13.39 -62.70
CA PHE C 28 54.78 13.04 -63.85
C PHE C 28 56.17 13.64 -63.75
N TYR C 29 57.09 13.06 -64.52
CA TYR C 29 58.46 13.53 -64.57
C TYR C 29 59.10 13.01 -65.85
N ARG C 30 59.97 13.84 -66.44
CA ARG C 30 60.72 13.47 -67.63
C ARG C 30 62.19 13.36 -67.25
N LEU C 31 62.82 12.25 -67.64
CA LEU C 31 64.13 11.91 -67.12
C LEU C 31 65.22 12.67 -67.88
N ASN C 32 65.84 13.59 -67.21
CA ASN C 32 67.04 14.16 -67.79
C ASN C 32 68.28 13.52 -67.18
N PRO C 33 69.36 13.37 -67.94
CA PRO C 33 70.57 12.76 -67.38
C PRO C 33 71.28 13.69 -66.42
N ALA C 34 70.54 14.22 -65.45
CA ALA C 34 71.07 15.17 -64.49
C ALA C 34 71.21 14.56 -63.10
N GLN C 35 70.13 14.01 -62.56
CA GLN C 35 70.15 13.38 -61.25
C GLN C 35 70.47 11.89 -61.36
N ARG C 36 71.55 11.60 -62.09
CA ARG C 36 71.88 10.24 -62.50
C ARG C 36 73.26 9.90 -61.96
N THR C 37 73.42 8.67 -61.50
CA THR C 37 74.64 8.26 -60.78
C THR C 37 74.90 6.79 -61.08
N SER C 38 75.77 6.19 -60.29
CA SER C 38 76.17 4.80 -60.49
C SER C 38 75.02 3.86 -60.20
N GLY C 39 74.12 3.71 -61.17
CA GLY C 39 72.98 2.84 -61.01
C GLY C 39 72.01 3.30 -59.94
N THR C 40 71.74 4.60 -59.89
CA THR C 40 70.77 5.15 -58.95
C THR C 40 70.22 6.46 -59.47
N LEU C 41 68.92 6.68 -59.28
CA LEU C 41 68.24 7.85 -59.79
C LEU C 41 67.43 8.48 -58.67
N THR C 42 67.92 9.59 -58.13
CA THR C 42 67.25 10.29 -57.04
C THR C 42 66.59 11.54 -57.62
N ILE C 43 65.27 11.54 -57.65
CA ILE C 43 64.50 12.63 -58.25
C ILE C 43 64.07 13.57 -57.13
N PRO C 44 64.38 14.87 -57.23
CA PRO C 44 63.87 15.81 -56.23
C PRO C 44 62.36 15.89 -56.27
N SER C 45 61.77 16.09 -55.10
CA SER C 45 60.32 16.18 -55.01
C SER C 45 59.77 17.44 -55.65
N THR C 46 60.62 18.39 -56.03
CA THR C 46 60.18 19.65 -56.60
C THR C 46 59.90 19.56 -58.11
N SER C 47 60.37 18.52 -58.78
CA SER C 47 60.33 18.46 -60.23
C SER C 47 59.09 17.77 -60.78
N PHE C 48 58.17 17.34 -59.93
CA PHE C 48 56.99 16.64 -60.41
C PHE C 48 55.89 17.61 -60.79
N THR C 49 54.98 17.15 -61.65
CA THR C 49 53.82 17.94 -62.07
C THR C 49 52.56 17.21 -61.65
N ASN C 50 51.59 17.97 -61.16
CA ASN C 50 50.42 17.41 -60.50
C ASN C 50 49.39 16.90 -61.52
N SER C 51 48.22 16.54 -61.01
CA SER C 51 47.12 16.12 -61.84
C SER C 51 46.57 17.24 -62.71
N SER C 52 46.80 18.49 -62.33
CA SER C 52 46.32 19.63 -63.09
C SER C 52 47.31 20.10 -64.14
N GLY C 53 48.42 19.38 -64.33
CA GLY C 53 49.46 19.86 -65.20
C GLY C 53 50.29 20.97 -64.62
N ALA C 54 50.30 21.13 -63.30
CA ALA C 54 51.05 22.18 -62.63
C ALA C 54 52.14 21.55 -61.76
N ALA C 55 53.23 22.28 -61.62
CA ALA C 55 54.35 21.79 -60.83
C ALA C 55 54.00 21.71 -59.35
N VAL C 56 54.45 20.63 -58.70
CA VAL C 56 54.25 20.49 -57.27
C VAL C 56 55.15 21.48 -56.54
N THR C 57 54.66 21.97 -55.40
CA THR C 57 55.33 23.04 -54.67
C THR C 57 56.14 22.54 -53.49
N SER C 58 55.51 21.85 -52.55
CA SER C 58 56.16 21.53 -51.29
C SER C 58 56.45 20.05 -51.10
N ASN C 59 55.44 19.19 -51.15
CA ASN C 59 55.66 17.78 -50.88
C ASN C 59 54.63 16.93 -51.60
N ILE C 60 55.03 15.72 -51.91
CA ILE C 60 54.15 14.72 -52.49
C ILE C 60 53.39 14.03 -51.37
N VAL C 61 52.11 13.76 -51.61
CA VAL C 61 51.29 13.10 -50.61
C VAL C 61 51.67 11.63 -50.56
N THR C 62 52.23 11.21 -49.43
CA THR C 62 52.65 9.83 -49.28
C THR C 62 51.44 8.91 -49.19
N ALA C 63 51.72 7.60 -49.19
CA ALA C 63 50.66 6.62 -49.03
C ALA C 63 49.98 6.81 -47.68
N ALA C 64 48.65 6.81 -47.69
CA ALA C 64 47.92 6.91 -46.44
C ALA C 64 48.29 5.76 -45.52
N THR C 65 48.45 6.07 -44.24
CA THR C 65 48.90 5.06 -43.28
C THR C 65 47.92 3.90 -43.23
N ASP C 66 48.38 2.74 -43.68
CA ASP C 66 47.61 1.50 -43.63
C ASP C 66 46.32 1.63 -44.42
N ASN C 67 46.32 2.48 -45.46
CA ASN C 67 45.09 2.71 -46.22
C ASN C 67 45.34 2.99 -47.69
N GLY C 68 46.49 2.60 -48.24
CA GLY C 68 46.78 2.95 -49.62
C GLY C 68 47.85 2.08 -50.22
N TYR C 69 48.19 2.38 -51.48
CA TYR C 69 49.17 1.62 -52.23
C TYR C 69 49.76 2.48 -53.33
N TYR C 70 50.85 1.98 -53.92
CA TYR C 70 51.61 2.71 -54.92
C TYR C 70 51.66 1.94 -56.23
N LEU C 71 51.65 2.67 -57.33
CA LEU C 71 51.94 2.13 -58.66
C LEU C 71 52.99 3.01 -59.33
N LEU C 72 53.96 2.37 -59.97
CA LEU C 72 55.05 3.09 -60.64
C LEU C 72 55.13 2.65 -62.08
N PHE C 73 55.18 3.61 -62.99
CA PHE C 73 55.29 3.37 -64.42
C PHE C 73 56.59 3.96 -64.96
N ILE C 74 57.37 3.14 -65.65
CA ILE C 74 58.55 3.58 -66.38
C ILE C 74 58.45 3.02 -67.78
N ASN C 75 58.38 3.92 -68.77
CA ASN C 75 58.30 3.53 -70.18
C ASN C 75 57.16 2.56 -70.45
N GLY C 76 56.08 2.65 -69.68
CA GLY C 76 54.95 1.77 -69.85
C GLY C 76 55.11 0.39 -69.28
N ALA C 77 56.22 0.09 -68.63
CA ALA C 77 56.46 -1.21 -68.01
C ALA C 77 56.27 -1.06 -66.52
N PHE C 78 55.42 -1.92 -65.94
CA PHE C 78 55.11 -1.79 -64.53
C PHE C 78 56.28 -2.30 -63.70
N GLN C 79 56.41 -1.77 -62.48
CA GLN C 79 57.60 -2.02 -61.67
C GLN C 79 57.24 -2.62 -60.33
N GLU C 80 58.26 -3.13 -59.64
CA GLU C 80 58.10 -3.74 -58.34
C GLU C 80 58.13 -2.67 -57.24
N THR C 81 57.60 -3.03 -56.07
CA THR C 81 57.72 -2.13 -54.92
C THR C 81 59.17 -2.05 -54.45
N SER C 82 59.91 -3.16 -54.61
CA SER C 82 61.31 -3.18 -54.18
C SER C 82 62.19 -2.27 -54.99
N LEU C 83 61.84 -2.03 -56.26
CA LEU C 83 62.69 -1.27 -57.16
C LEU C 83 62.83 0.19 -56.75
N PHE C 84 61.93 0.72 -55.93
CA PHE C 84 61.95 2.14 -55.63
C PHE C 84 61.43 2.38 -54.22
N THR C 85 61.83 3.50 -53.66
CA THR C 85 61.34 3.95 -52.37
C THR C 85 60.83 5.38 -52.51
N VAL C 86 59.68 5.66 -51.90
CA VAL C 86 59.04 6.97 -52.00
C VAL C 86 59.06 7.61 -50.63
N ALA C 87 59.63 8.80 -50.54
CA ALA C 87 59.66 9.54 -49.29
C ALA C 87 58.95 10.88 -49.46
N ALA C 88 58.81 11.63 -48.36
CA ALA C 88 58.08 12.88 -48.43
C ALA C 88 58.80 13.90 -49.30
N SER C 89 60.11 14.00 -49.19
CA SER C 89 60.86 15.06 -49.84
C SER C 89 61.66 14.58 -51.04
N GLN C 90 61.59 13.30 -51.40
CA GLN C 90 62.35 12.82 -52.55
C GLN C 90 61.84 11.46 -52.98
N VAL C 91 62.20 11.09 -54.21
CA VAL C 91 61.92 9.78 -54.78
C VAL C 91 63.22 9.27 -55.39
N ARG C 92 63.60 8.04 -55.06
CA ARG C 92 64.82 7.47 -55.61
C ARG C 92 64.58 6.05 -56.08
N ILE C 93 65.25 5.68 -57.17
CA ILE C 93 65.12 4.37 -57.80
C ILE C 93 66.51 3.85 -58.15
N THR C 94 66.72 2.56 -57.92
CA THR C 94 67.96 1.90 -58.29
C THR C 94 67.78 1.18 -59.63
N GLN C 95 68.90 0.69 -60.16
CA GLN C 95 68.93 -0.07 -61.42
C GLN C 95 68.42 0.77 -62.59
N THR C 96 68.91 2.00 -62.70
CA THR C 96 68.49 2.91 -63.75
C THR C 96 69.64 3.28 -64.69
N SER C 97 70.60 2.38 -64.89
CA SER C 97 71.71 2.66 -65.80
C SER C 97 71.23 2.80 -67.23
N LEU C 98 70.31 1.94 -67.66
CA LEU C 98 69.98 1.83 -69.08
C LEU C 98 68.81 2.71 -69.50
N VAL C 99 68.06 3.28 -68.58
CA VAL C 99 66.84 4.02 -68.96
C VAL C 99 67.24 5.26 -69.74
N PRO C 100 66.60 5.53 -70.87
CA PRO C 100 67.05 6.59 -71.78
C PRO C 100 66.64 7.97 -71.30
N THR C 101 67.08 8.97 -72.06
CA THR C 101 66.82 10.37 -71.73
C THR C 101 65.40 10.75 -72.08
N SER C 102 64.82 11.66 -71.29
CA SER C 102 63.50 12.25 -71.54
C SER C 102 62.38 11.22 -71.45
N ALA C 103 62.67 10.04 -70.93
CA ALA C 103 61.65 9.02 -70.81
C ALA C 103 60.61 9.42 -69.77
N PRO C 104 59.36 9.01 -69.95
CA PRO C 104 58.32 9.36 -68.98
C PRO C 104 58.33 8.43 -67.79
N ILE C 105 58.11 9.00 -66.61
CA ILE C 105 57.94 8.24 -65.38
C ILE C 105 56.65 8.70 -64.72
N THR C 106 55.77 7.75 -64.43
CA THR C 106 54.50 8.04 -63.78
C THR C 106 54.46 7.35 -62.43
N LEU C 107 54.11 8.10 -61.40
CA LEU C 107 53.97 7.58 -60.05
C LEU C 107 52.53 7.78 -59.60
N VAL C 108 51.86 6.69 -59.23
CA VAL C 108 50.44 6.71 -58.92
C VAL C 108 50.29 6.49 -57.42
N VAL C 109 49.54 7.38 -56.77
CA VAL C 109 49.28 7.29 -55.34
C VAL C 109 47.77 7.17 -55.16
N ASN C 110 47.33 6.03 -54.64
CA ASN C 110 45.92 5.82 -54.30
C ASN C 110 45.77 5.99 -52.80
N ASN C 111 44.90 6.90 -52.40
CA ASN C 111 44.58 7.12 -51.00
C ASN C 111 43.08 6.99 -50.82
N PHE C 112 42.66 6.18 -49.86
CA PHE C 112 41.26 5.96 -49.57
C PHE C 112 40.95 6.47 -48.18
N ALA C 113 39.89 7.28 -48.07
CA ALA C 113 39.45 7.85 -46.81
C ALA C 113 37.97 7.52 -46.64
N PRO C 114 37.64 6.30 -46.24
CA PRO C 114 36.24 5.92 -46.10
C PRO C 114 35.55 6.71 -45.01
N THR C 115 34.26 6.90 -45.18
CA THR C 115 33.41 7.51 -44.18
C THR C 115 32.19 6.65 -43.98
N SER C 116 31.66 6.66 -42.75
CA SER C 116 30.49 5.87 -42.43
C SER C 116 29.68 6.57 -41.37
N THR C 117 28.36 6.60 -41.57
CA THR C 117 27.43 7.11 -40.58
C THR C 117 26.35 6.05 -40.37
N SER C 118 25.75 6.05 -39.18
CA SER C 118 24.84 5.00 -38.80
C SER C 118 23.70 5.56 -37.97
N THR C 119 22.60 4.83 -37.92
CA THR C 119 21.45 5.15 -37.10
C THR C 119 21.01 3.91 -36.34
N THR C 120 20.59 4.08 -35.10
CA THR C 120 20.19 2.97 -34.25
C THR C 120 18.79 3.24 -33.71
N THR C 121 17.90 2.27 -33.88
CA THR C 121 16.54 2.35 -33.39
C THR C 121 16.36 1.32 -32.29
N VAL C 122 15.86 1.76 -31.14
CA VAL C 122 15.64 0.89 -29.99
C VAL C 122 14.17 0.96 -29.61
N ARG C 123 13.54 -0.20 -29.47
CA ARG C 123 12.15 -0.29 -29.05
C ARG C 123 12.05 -1.02 -27.73
N SER C 124 10.97 -0.75 -26.99
CA SER C 124 10.77 -1.34 -25.68
C SER C 124 9.75 -2.46 -25.71
N THR D 3 -66.34 -14.13 110.18
CA THR D 3 -65.08 -14.08 110.91
C THR D 3 -64.10 -13.22 110.11
N SER D 4 -64.44 -12.97 108.85
CA SER D 4 -63.59 -12.19 107.97
C SER D 4 -64.37 -10.99 107.45
N LEU D 5 -63.61 -9.96 107.06
CA LEU D 5 -64.23 -8.78 106.46
C LEU D 5 -64.89 -9.15 105.14
N PHE D 6 -66.06 -8.58 104.89
CA PHE D 6 -66.85 -8.88 103.70
C PHE D 6 -66.76 -7.71 102.74
N LYS D 7 -66.49 -8.01 101.48
CA LYS D 7 -66.28 -7.01 100.45
C LYS D 7 -67.30 -7.19 99.33
N LEU D 8 -67.33 -6.21 98.43
CA LEU D 8 -68.23 -6.23 97.28
C LEU D 8 -67.50 -6.81 96.08
N VAL D 9 -68.10 -7.80 95.45
CA VAL D 9 -67.49 -8.46 94.29
C VAL D 9 -68.05 -7.84 93.02
N MET D 10 -67.16 -7.30 92.19
CA MET D 10 -67.55 -6.71 90.91
C MET D 10 -66.45 -6.98 89.90
N SER D 11 -66.82 -6.90 88.62
CA SER D 11 -65.92 -7.25 87.54
C SER D 11 -66.17 -6.33 86.37
N ALA D 12 -65.21 -6.30 85.44
CA ALA D 12 -65.26 -5.39 84.31
C ALA D 12 -64.81 -6.10 83.05
N THR D 13 -65.01 -5.44 81.91
CA THR D 13 -64.61 -5.95 80.61
C THR D 13 -64.19 -4.77 79.74
N THR D 14 -63.07 -4.92 79.04
CA THR D 14 -62.48 -3.83 78.25
C THR D 14 -62.29 -4.29 76.81
N SER D 15 -62.64 -3.42 75.88
CA SER D 15 -62.41 -3.64 74.45
C SER D 15 -61.56 -2.49 73.93
N THR D 16 -60.50 -2.82 73.20
CA THR D 16 -59.54 -1.84 72.73
C THR D 16 -59.31 -2.00 71.23
N THR D 17 -59.34 -0.90 70.50
CA THR D 17 -59.08 -0.88 69.07
C THR D 17 -57.88 0.03 68.82
N THR D 18 -56.95 -0.44 67.99
CA THR D 18 -55.69 0.25 67.75
C THR D 18 -55.45 0.39 66.27
N ASP D 19 -55.10 1.60 65.83
CA ASP D 19 -54.71 1.88 64.45
C ASP D 19 -53.32 2.47 64.46
N THR D 20 -52.47 2.00 63.54
CA THR D 20 -51.07 2.45 63.54
C THR D 20 -50.95 3.89 63.07
N ASN D 21 -51.80 4.30 62.14
CA ASN D 21 -51.73 5.63 61.53
C ASN D 21 -50.34 5.91 60.95
N PRO D 22 -49.89 5.13 59.99
CA PRO D 22 -48.56 5.38 59.40
C PRO D 22 -48.58 6.61 58.52
N GLU D 23 -47.46 7.34 58.56
CA GLU D 23 -47.18 8.36 57.56
C GLU D 23 -45.72 8.24 57.20
N VAL D 24 -45.44 8.21 55.90
CA VAL D 24 -44.11 7.96 55.39
C VAL D 24 -43.66 9.19 54.64
N GLU D 25 -42.48 9.69 55.00
CA GLU D 25 -41.90 10.87 54.36
C GLU D 25 -40.82 10.43 53.39
N ARG D 26 -40.89 10.94 52.17
CA ARG D 26 -39.90 10.65 51.14
C ARG D 26 -39.29 11.93 50.63
N TYR D 27 -37.96 11.91 50.46
CA TYR D 27 -37.22 13.05 49.98
C TYR D 27 -36.28 12.59 48.88
N PHE D 28 -35.91 13.52 48.00
CA PHE D 28 -35.15 13.17 46.81
C PHE D 28 -34.09 14.22 46.54
N TYR D 29 -33.00 13.78 45.93
CA TYR D 29 -31.87 14.66 45.65
C TYR D 29 -31.04 14.11 44.51
N ARG D 30 -30.60 15.00 43.62
CA ARG D 30 -29.69 14.68 42.54
C ARG D 30 -28.32 15.23 42.90
N LEU D 31 -27.29 14.40 42.76
CA LEU D 31 -25.97 14.73 43.31
C LEU D 31 -25.23 15.64 42.34
N ASN D 32 -25.03 16.85 42.73
CA ASN D 32 -24.13 17.69 41.98
C ASN D 32 -22.80 17.80 42.71
N PRO D 33 -21.69 17.90 41.99
CA PRO D 33 -20.39 18.02 42.67
C PRO D 33 -20.17 19.40 43.25
N ALA D 34 -21.18 19.92 43.95
CA ALA D 34 -21.12 21.23 44.56
C ALA D 34 -20.85 21.15 46.05
N GLN D 35 -21.66 20.40 46.78
CA GLN D 35 -21.45 20.21 48.22
C GLN D 35 -20.60 18.97 48.48
N ARG D 36 -19.46 18.91 47.78
CA ARG D 36 -18.61 17.74 47.77
C ARG D 36 -17.24 18.13 48.28
N THR D 37 -16.64 17.24 49.07
CA THR D 37 -15.42 17.58 49.81
C THR D 37 -14.58 16.31 49.92
N SER D 38 -13.59 16.34 50.83
CA SER D 38 -12.67 15.23 51.00
C SER D 38 -13.38 14.04 51.60
N GLY D 39 -14.08 13.28 50.76
CA GLY D 39 -14.79 12.10 51.20
C GLY D 39 -15.93 12.41 52.15
N THR D 40 -16.66 13.48 51.87
CA THR D 40 -17.81 13.84 52.69
C THR D 40 -18.82 14.63 51.86
N LEU D 41 -20.10 14.34 52.06
CA LEU D 41 -21.17 14.94 51.29
C LEU D 41 -22.23 15.49 52.24
N THR D 42 -22.19 16.79 52.49
CA THR D 42 -23.15 17.45 53.36
C THR D 42 -24.19 18.11 52.47
N ILE D 43 -25.42 17.62 52.55
CA ILE D 43 -26.50 18.09 51.69
C ILE D 43 -27.32 19.10 52.46
N PRO D 44 -27.48 20.33 51.97
CA PRO D 44 -28.38 21.27 52.63
C PRO D 44 -29.80 20.75 52.62
N SER D 45 -30.50 20.99 53.72
CA SER D 45 -31.89 20.54 53.83
C SER D 45 -32.82 21.27 52.88
N THR D 46 -32.37 22.35 52.25
CA THR D 46 -33.20 23.15 51.37
C THR D 46 -33.32 22.57 49.97
N SER D 47 -32.44 21.63 49.59
CA SER D 47 -32.40 21.14 48.22
C SER D 47 -33.24 19.89 47.99
N PHE D 48 -33.91 19.38 49.01
CA PHE D 48 -34.67 18.15 48.85
C PHE D 48 -36.05 18.45 48.30
N THR D 49 -36.62 17.46 47.60
CA THR D 49 -37.97 17.54 47.07
C THR D 49 -38.79 16.39 47.65
N ASN D 50 -40.00 16.71 48.08
CA ASN D 50 -40.83 15.73 48.78
C ASN D 50 -41.45 14.74 47.78
N SER D 51 -42.33 13.89 48.31
CA SER D 51 -43.05 12.94 47.47
C SER D 51 -44.10 13.62 46.61
N SER D 52 -44.38 14.89 46.83
CA SER D 52 -45.31 15.63 46.01
C SER D 52 -44.65 16.28 44.80
N GLY D 53 -43.36 16.05 44.60
CA GLY D 53 -42.64 16.71 43.54
C GLY D 53 -42.33 18.16 43.82
N ALA D 54 -42.52 18.62 45.05
CA ALA D 54 -42.26 20.00 45.42
C ALA D 54 -41.06 20.07 46.36
N ALA D 55 -40.24 21.10 46.19
CA ALA D 55 -39.08 21.29 47.03
C ALA D 55 -39.48 21.59 48.46
N VAL D 56 -38.74 21.02 49.40
CA VAL D 56 -39.01 21.27 50.81
C VAL D 56 -38.62 22.70 51.16
N THR D 57 -39.32 23.27 52.15
CA THR D 57 -39.18 24.68 52.47
C THR D 57 -38.30 24.92 53.68
N SER D 58 -38.65 24.34 54.83
CA SER D 58 -38.01 24.72 56.08
C SER D 58 -37.16 23.63 56.70
N ASN D 59 -37.71 22.43 56.88
CA ASN D 59 -36.98 21.41 57.62
C ASN D 59 -37.41 20.02 57.18
N ILE D 60 -36.59 19.04 57.53
CA ILE D 60 -36.89 17.65 57.24
C ILE D 60 -37.55 17.03 58.47
N VAL D 61 -38.59 16.24 58.24
CA VAL D 61 -39.25 15.56 59.34
C VAL D 61 -38.34 14.44 59.83
N THR D 62 -37.77 14.62 61.02
CA THR D 62 -36.85 13.64 61.57
C THR D 62 -37.58 12.37 61.96
N ALA D 63 -36.81 11.38 62.39
CA ALA D 63 -37.41 10.14 62.88
C ALA D 63 -38.23 10.44 64.13
N ALA D 64 -39.42 9.86 64.20
CA ALA D 64 -40.22 9.99 65.40
C ALA D 64 -39.48 9.40 66.59
N THR D 65 -39.53 10.09 67.72
CA THR D 65 -38.81 9.65 68.90
C THR D 65 -39.30 8.28 69.33
N ASP D 66 -38.42 7.29 69.25
CA ASP D 66 -38.71 5.92 69.67
C ASP D 66 -39.90 5.35 68.90
N ASN D 67 -40.17 5.83 67.69
CA ASN D 67 -41.31 5.33 66.95
C ASN D 67 -41.06 5.20 65.46
N GLY D 68 -39.81 5.21 65.00
CA GLY D 68 -39.57 5.20 63.57
C GLY D 68 -38.16 4.78 63.23
N TYR D 69 -37.89 4.77 61.93
CA TYR D 69 -36.61 4.30 61.41
C TYR D 69 -36.34 4.96 60.06
N TYR D 70 -35.10 4.79 59.59
CA TYR D 70 -34.64 5.41 58.36
C TYR D 70 -34.23 4.36 57.34
N LEU D 71 -34.46 4.67 56.07
CA LEU D 71 -33.90 3.92 54.95
C LEU D 71 -33.23 4.88 53.99
N LEU D 72 -32.05 4.51 53.52
CA LEU D 72 -31.26 5.37 52.64
C LEU D 72 -30.94 4.62 51.36
N PHE D 73 -31.16 5.27 50.22
CA PHE D 73 -30.92 4.68 48.91
C PHE D 73 -29.93 5.54 48.14
N ILE D 74 -28.84 4.92 47.67
CA ILE D 74 -27.87 5.56 46.81
C ILE D 74 -27.60 4.63 45.64
N ASN D 75 -27.86 5.10 44.42
CA ASN D 75 -27.67 4.32 43.21
C ASN D 75 -28.39 2.96 43.27
N GLY D 76 -29.46 2.89 44.04
CA GLY D 76 -30.20 1.65 44.20
C GLY D 76 -29.55 0.64 45.11
N ALA D 77 -28.47 0.99 45.79
CA ALA D 77 -27.80 0.10 46.72
C ALA D 77 -28.12 0.56 48.13
N PHE D 78 -28.61 -0.36 48.95
CA PHE D 78 -29.06 0.00 50.29
C PHE D 78 -27.85 0.18 51.20
N GLN D 79 -27.97 1.08 52.19
CA GLN D 79 -26.84 1.48 53.00
C GLN D 79 -27.10 1.20 54.48
N GLU D 80 -26.04 1.34 55.27
CA GLU D 80 -26.11 1.16 56.71
C GLU D 80 -26.52 2.46 57.40
N THR D 81 -26.98 2.32 58.64
CA THR D 81 -27.25 3.49 59.47
C THR D 81 -25.96 4.23 59.80
N SER D 82 -24.85 3.48 59.88
CA SER D 82 -23.57 4.09 60.23
C SER D 82 -23.06 5.01 59.14
N LEU D 83 -23.34 4.71 57.88
CA LEU D 83 -22.77 5.46 56.77
C LEU D 83 -23.23 6.91 56.71
N PHE D 84 -24.32 7.26 57.39
CA PHE D 84 -24.88 8.60 57.27
C PHE D 84 -25.50 9.02 58.58
N THR D 85 -25.61 10.33 58.76
CA THR D 85 -26.29 10.92 59.90
C THR D 85 -27.33 11.91 59.39
N VAL D 86 -28.50 11.90 60.00
CA VAL D 86 -29.61 12.74 59.59
C VAL D 86 -29.97 13.68 60.73
N ALA D 87 -30.00 14.97 60.44
CA ALA D 87 -30.42 15.96 61.42
C ALA D 87 -31.56 16.79 60.85
N ALA D 88 -32.09 17.71 61.65
CA ALA D 88 -33.23 18.50 61.20
C ALA D 88 -32.86 19.40 60.03
N SER D 89 -31.73 20.08 60.11
CA SER D 89 -31.38 21.10 59.14
C SER D 89 -30.38 20.63 58.08
N GLN D 90 -29.90 19.40 58.14
CA GLN D 90 -28.91 18.96 57.17
C GLN D 90 -28.81 17.44 57.17
N VAL D 91 -28.26 16.92 56.09
CA VAL D 91 -27.95 15.51 55.92
C VAL D 91 -26.52 15.40 55.41
N ARG D 92 -25.70 14.56 56.04
CA ARG D 92 -24.32 14.40 55.62
C ARG D 92 -23.97 12.92 55.56
N ILE D 93 -23.18 12.55 54.56
CA ILE D 93 -22.77 11.17 54.33
C ILE D 93 -21.27 11.14 54.05
N THR D 94 -20.60 10.13 54.60
CA THR D 94 -19.18 9.93 54.38
C THR D 94 -18.94 8.87 53.31
N GLN D 95 -17.68 8.70 52.95
CA GLN D 95 -17.24 7.70 51.97
C GLN D 95 -17.91 7.91 50.61
N THR D 96 -18.04 9.17 50.21
CA THR D 96 -18.70 9.52 48.96
C THR D 96 -17.73 10.00 47.89
N SER D 97 -16.50 9.47 47.88
CA SER D 97 -15.52 9.90 46.90
C SER D 97 -15.88 9.41 45.50
N LEU D 98 -16.34 8.17 45.39
CA LEU D 98 -16.50 7.54 44.08
C LEU D 98 -17.88 7.72 43.47
N VAL D 99 -18.86 8.23 44.21
CA VAL D 99 -20.22 8.32 43.69
C VAL D 99 -20.26 9.34 42.55
N PRO D 100 -20.89 9.02 41.43
CA PRO D 100 -20.81 9.89 40.24
C PRO D 100 -21.78 11.06 40.33
N THR D 101 -21.69 11.94 39.34
CA THR D 101 -22.51 13.14 39.29
C THR D 101 -23.95 12.79 38.91
N SER D 102 -24.88 13.60 39.40
CA SER D 102 -26.31 13.48 39.09
C SER D 102 -26.90 12.16 39.58
N ALA D 103 -26.24 11.51 40.51
CA ALA D 103 -26.74 10.24 41.02
C ALA D 103 -28.00 10.46 41.86
N PRO D 104 -28.90 9.49 41.86
CA PRO D 104 -30.11 9.63 42.68
C PRO D 104 -29.86 9.18 44.11
N ILE D 105 -30.34 9.99 45.04
CA ILE D 105 -30.30 9.67 46.47
C ILE D 105 -31.71 9.76 47.02
N THR D 106 -32.18 8.69 47.65
CA THR D 106 -33.50 8.63 48.23
C THR D 106 -33.38 8.37 49.72
N LEU D 107 -34.04 9.20 50.52
CA LEU D 107 -34.02 9.10 51.96
C LEU D 107 -35.44 8.84 52.44
N VAL D 108 -35.65 7.71 53.09
CA VAL D 108 -36.99 7.25 53.47
C VAL D 108 -37.14 7.40 54.97
N VAL D 109 -38.21 8.08 55.39
CA VAL D 109 -38.53 8.28 56.79
C VAL D 109 -39.87 7.60 57.06
N ASN D 110 -39.86 6.59 57.92
CA ASN D 110 -41.09 5.95 58.37
C ASN D 110 -41.41 6.46 59.76
N ASN D 111 -42.56 7.09 59.92
CA ASN D 111 -43.03 7.56 61.20
C ASN D 111 -44.39 6.93 61.49
N PHE D 112 -44.54 6.40 62.69
CA PHE D 112 -45.77 5.75 63.11
C PHE D 112 -46.33 6.49 64.33
N ALA D 113 -47.62 6.80 64.28
CA ALA D 113 -48.30 7.51 65.36
C ALA D 113 -49.55 6.72 65.72
N PRO D 114 -49.39 5.63 66.45
CA PRO D 114 -50.55 4.79 66.78
C PRO D 114 -51.54 5.53 67.66
N THR D 115 -52.80 5.16 67.52
CA THR D 115 -53.88 5.67 68.36
C THR D 115 -54.75 4.51 68.81
N SER D 116 -55.40 4.69 69.94
CA SER D 116 -56.27 3.65 70.47
C SER D 116 -57.36 4.28 71.33
N THR D 117 -58.55 3.70 71.27
CA THR D 117 -59.65 4.09 72.13
C THR D 117 -60.26 2.82 72.72
N SER D 118 -60.83 2.94 73.92
CA SER D 118 -61.28 1.77 74.65
C SER D 118 -62.58 2.07 75.38
N THR D 119 -63.32 1.01 75.69
CA THR D 119 -64.56 1.09 76.45
C THR D 119 -64.54 0.02 77.54
N THR D 120 -65.19 0.31 78.65
CA THR D 120 -65.19 -0.58 79.80
C THR D 120 -66.60 -0.74 80.33
N THR D 121 -67.03 -1.98 80.51
CA THR D 121 -68.34 -2.32 81.06
C THR D 121 -68.14 -3.03 82.39
N VAL D 122 -68.88 -2.62 83.41
CA VAL D 122 -68.72 -3.13 84.77
C VAL D 122 -70.04 -3.78 85.19
N ARG D 123 -69.95 -5.00 85.71
CA ARG D 123 -71.11 -5.72 86.22
C ARG D 123 -71.14 -5.62 87.73
N SER D 124 -72.33 -5.44 88.28
CA SER D 124 -72.51 -5.37 89.71
C SER D 124 -73.15 -6.65 90.25
N THR E 3 -41.18 -15.90 40.16
CA THR E 3 -40.73 -17.28 40.24
C THR E 3 -39.26 -17.36 39.85
N SER E 4 -38.80 -16.33 39.14
CA SER E 4 -37.43 -16.29 38.64
C SER E 4 -36.73 -15.05 39.18
N LEU E 5 -35.41 -15.09 39.15
CA LEU E 5 -34.61 -13.96 39.59
C LEU E 5 -34.86 -12.75 38.70
N PHE E 6 -34.85 -11.57 39.30
CA PHE E 6 -35.14 -10.32 38.59
C PHE E 6 -33.86 -9.50 38.52
N LYS E 7 -33.53 -9.04 37.32
CA LYS E 7 -32.30 -8.31 37.08
C LYS E 7 -32.60 -6.98 36.41
N LEU E 8 -31.59 -6.09 36.44
CA LEU E 8 -31.70 -4.77 35.86
C LEU E 8 -31.28 -4.84 34.40
N VAL E 9 -32.13 -4.33 33.52
CA VAL E 9 -31.87 -4.37 32.08
C VAL E 9 -31.27 -3.04 31.66
N MET E 10 -30.08 -3.10 31.05
CA MET E 10 -29.42 -1.91 30.55
C MET E 10 -28.65 -2.30 29.29
N SER E 11 -28.34 -1.28 28.48
CA SER E 11 -27.61 -1.51 27.24
C SER E 11 -26.81 -0.26 26.90
N ALA E 12 -25.89 -0.41 25.95
CA ALA E 12 -24.94 0.65 25.65
C ALA E 12 -24.84 0.84 24.14
N THR E 13 -24.05 1.85 23.75
CA THR E 13 -23.80 2.16 22.35
C THR E 13 -22.37 2.66 22.23
N THR E 14 -21.67 2.20 21.22
CA THR E 14 -20.26 2.50 21.03
C THR E 14 -20.02 3.05 19.64
N SER E 15 -19.21 4.10 19.54
CA SER E 15 -18.80 4.68 18.27
C SER E 15 -17.28 4.66 18.21
N THR E 16 -16.74 4.11 17.13
CA THR E 16 -15.30 3.91 16.99
C THR E 16 -14.81 4.55 15.70
N THR E 17 -13.71 5.29 15.79
CA THR E 17 -13.06 5.90 14.64
C THR E 17 -11.64 5.37 14.54
N THR E 18 -11.22 4.99 13.34
CA THR E 18 -9.92 4.38 13.11
C THR E 18 -9.20 5.11 11.99
N ASP E 19 -7.90 5.34 12.18
CA ASP E 19 -7.05 5.96 11.18
C ASP E 19 -5.83 5.06 10.96
N THR E 20 -5.48 4.83 9.70
CA THR E 20 -4.41 3.89 9.39
C THR E 20 -3.06 4.40 9.88
N ASN E 21 -2.80 5.69 9.73
CA ASN E 21 -1.50 6.28 10.03
C ASN E 21 -0.37 5.55 9.30
N PRO E 22 -0.28 5.71 7.97
CA PRO E 22 0.84 5.09 7.25
C PRO E 22 2.11 5.88 7.39
N GLU E 23 3.23 5.15 7.45
CA GLU E 23 4.55 5.73 7.34
C GLU E 23 5.35 4.88 6.38
N VAL E 24 5.65 5.44 5.21
CA VAL E 24 6.32 4.72 4.14
C VAL E 24 7.77 5.13 4.12
N GLU E 25 8.67 4.16 4.23
CA GLU E 25 10.09 4.41 4.28
C GLU E 25 10.72 4.00 2.96
N ARG E 26 11.52 4.89 2.38
CA ARG E 26 12.19 4.63 1.12
C ARG E 26 13.68 4.84 1.27
N TYR E 27 14.46 3.95 0.66
CA TYR E 27 15.89 4.05 0.63
C TYR E 27 16.37 3.84 -0.80
N PHE E 28 17.63 4.19 -1.06
CA PHE E 28 18.16 4.20 -2.41
C PHE E 28 19.63 3.83 -2.39
N TYR E 29 20.10 3.27 -3.50
CA TYR E 29 21.48 2.83 -3.61
C TYR E 29 21.86 2.68 -5.07
N ARG E 30 23.13 2.95 -5.37
CA ARG E 30 23.68 2.76 -6.70
C ARG E 30 24.71 1.63 -6.65
N LEU E 31 24.55 0.66 -7.54
CA LEU E 31 25.33 -0.57 -7.45
C LEU E 31 26.75 -0.34 -7.96
N ASN E 32 27.69 -0.43 -7.09
CA ASN E 32 29.08 -0.43 -7.51
C ASN E 32 29.67 -1.82 -7.36
N PRO E 33 30.61 -2.20 -8.21
CA PRO E 33 31.19 -3.55 -8.11
C PRO E 33 32.16 -3.66 -6.95
N ALA E 34 31.74 -3.18 -5.78
CA ALA E 34 32.56 -3.23 -4.58
C ALA E 34 32.11 -4.34 -3.65
N GLN E 35 30.84 -4.36 -3.26
CA GLN E 35 30.30 -5.41 -2.41
C GLN E 35 29.71 -6.54 -3.23
N ARG E 36 30.50 -7.03 -4.18
CA ARG E 36 30.05 -7.98 -5.18
C ARG E 36 30.88 -9.25 -5.06
N THR E 37 30.24 -10.40 -5.17
CA THR E 37 30.88 -11.68 -4.87
C THR E 37 30.29 -12.74 -5.80
N SER E 38 30.53 -14.00 -5.46
CA SER E 38 30.08 -15.12 -6.28
C SER E 38 28.58 -15.24 -6.24
N GLY E 39 27.89 -14.43 -7.05
CA GLY E 39 26.44 -14.46 -7.11
C GLY E 39 25.78 -14.04 -5.82
N THR E 40 26.32 -13.02 -5.17
CA THR E 40 25.73 -12.51 -3.94
C THR E 40 26.09 -11.04 -3.76
N LEU E 41 25.14 -10.24 -3.29
CA LEU E 41 25.31 -8.80 -3.14
C LEU E 41 24.88 -8.39 -1.75
N THR E 42 25.83 -8.19 -0.86
CA THR E 42 25.55 -7.76 0.52
C THR E 42 25.81 -6.27 0.61
N ILE E 43 24.74 -5.49 0.77
CA ILE E 43 24.83 -4.03 0.78
C ILE E 43 24.94 -3.57 2.23
N PRO E 44 25.96 -2.80 2.59
CA PRO E 44 26.00 -2.23 3.94
C PRO E 44 24.83 -1.31 4.18
N SER E 45 24.30 -1.36 5.40
CA SER E 45 23.18 -0.49 5.74
C SER E 45 23.58 0.97 5.83
N THR E 46 24.87 1.28 5.78
CA THR E 46 25.35 2.64 5.91
C THR E 46 25.34 3.42 4.60
N SER E 47 25.12 2.74 3.46
CA SER E 47 25.23 3.39 2.15
C SER E 47 23.90 3.85 1.59
N PHE E 48 22.79 3.56 2.25
CA PHE E 48 21.49 3.94 1.72
C PHE E 48 21.21 5.41 1.98
N THR E 49 20.41 6.01 1.11
CA THR E 49 19.96 7.39 1.24
C THR E 49 18.44 7.42 1.31
N ASN E 50 17.92 8.17 2.28
CA ASN E 50 16.49 8.14 2.55
C ASN E 50 15.72 8.93 1.49
N SER E 51 14.41 9.07 1.72
CA SER E 51 13.56 9.84 0.82
C SER E 51 13.83 11.34 0.92
N SER E 52 14.58 11.78 1.92
CA SER E 52 14.97 13.18 2.04
C SER E 52 16.25 13.50 1.29
N GLY E 53 16.82 12.53 0.60
CA GLY E 53 18.10 12.76 -0.05
C GLY E 53 19.28 12.73 0.89
N ALA E 54 19.11 12.28 2.12
CA ALA E 54 20.17 12.23 3.11
C ALA E 54 20.53 10.78 3.41
N ALA E 55 21.83 10.54 3.58
CA ALA E 55 22.30 9.20 3.90
C ALA E 55 21.80 8.77 5.27
N VAL E 56 21.46 7.49 5.37
CA VAL E 56 21.02 6.94 6.64
C VAL E 56 22.22 6.80 7.58
N THR E 57 21.95 6.87 8.89
CA THR E 57 23.01 6.93 9.88
C THR E 57 23.24 5.58 10.56
N SER E 58 22.22 5.02 11.19
CA SER E 58 22.42 3.83 12.02
C SER E 58 21.73 2.58 11.50
N ASN E 59 20.43 2.63 11.21
CA ASN E 59 19.74 1.40 10.88
C ASN E 59 18.58 1.67 9.94
N ILE E 60 18.15 0.62 9.27
CA ILE E 60 16.99 0.66 8.41
C ILE E 60 15.77 0.30 9.23
N VAL E 61 14.69 1.06 9.05
CA VAL E 61 13.44 0.74 9.73
C VAL E 61 12.86 -0.51 9.10
N THR E 62 12.87 -1.61 9.86
CA THR E 62 12.42 -2.89 9.33
C THR E 62 10.90 -2.89 9.21
N ALA E 63 10.39 -3.98 8.64
CA ALA E 63 8.94 -4.14 8.54
C ALA E 63 8.33 -4.22 9.93
N ALA E 64 7.24 -3.49 10.14
CA ALA E 64 6.54 -3.57 11.41
C ALA E 64 6.06 -5.00 11.65
N THR E 65 6.17 -5.44 12.90
CA THR E 65 5.80 -6.81 13.24
C THR E 65 4.33 -7.05 12.94
N ASP E 66 4.07 -7.95 11.99
CA ASP E 66 2.72 -8.32 11.60
C ASP E 66 1.91 -7.11 11.13
N ASN E 67 2.59 -6.06 10.64
CA ASN E 67 1.87 -4.87 10.23
C ASN E 67 2.45 -4.21 8.99
N GLY E 68 3.22 -4.92 8.17
CA GLY E 68 3.84 -4.28 7.03
C GLY E 68 4.28 -5.27 5.97
N TYR E 69 4.89 -4.72 4.92
CA TYR E 69 5.35 -5.53 3.79
C TYR E 69 6.46 -4.78 3.08
N TYR E 70 7.18 -5.51 2.22
CA TYR E 70 8.34 -4.98 1.52
C TYR E 70 8.11 -4.99 0.02
N LEU E 71 8.70 -4.00 -0.65
CA LEU E 71 8.81 -3.97 -2.10
C LEU E 71 10.25 -3.70 -2.49
N LEU E 72 10.75 -4.43 -3.48
CA LEU E 72 12.12 -4.30 -3.94
C LEU E 72 12.14 -4.02 -5.42
N PHE E 73 12.88 -3.00 -5.83
CA PHE E 73 13.00 -2.60 -7.22
C PHE E 73 14.44 -2.70 -7.69
N ILE E 74 14.66 -3.43 -8.78
CA ILE E 74 15.97 -3.51 -9.42
C ILE E 74 15.76 -3.23 -10.89
N ASN E 75 16.43 -2.20 -11.41
CA ASN E 75 16.36 -1.81 -12.81
C ASN E 75 14.91 -1.66 -13.28
N GLY E 76 14.02 -1.25 -12.38
CA GLY E 76 12.63 -1.09 -12.72
C GLY E 76 11.86 -2.38 -12.85
N ALA E 77 12.49 -3.52 -12.62
CA ALA E 77 11.81 -4.82 -12.68
C ALA E 77 11.53 -5.25 -11.25
N PHE E 78 10.26 -5.47 -10.94
CA PHE E 78 9.88 -5.83 -9.59
C PHE E 78 10.42 -7.22 -9.26
N GLN E 79 10.86 -7.40 -8.02
CA GLN E 79 11.53 -8.63 -7.62
C GLN E 79 10.70 -9.40 -6.61
N GLU E 80 11.23 -10.56 -6.22
CA GLU E 80 10.52 -11.46 -5.34
C GLU E 80 11.11 -11.40 -3.93
N THR E 81 10.22 -11.58 -2.93
CA THR E 81 10.66 -11.58 -1.53
C THR E 81 11.65 -12.71 -1.27
N SER E 82 11.57 -13.79 -2.05
CA SER E 82 12.53 -14.87 -1.91
C SER E 82 13.91 -14.47 -2.39
N LEU E 83 13.99 -13.53 -3.32
CA LEU E 83 15.26 -13.15 -3.92
C LEU E 83 16.18 -12.40 -2.97
N PHE E 84 15.66 -11.90 -1.86
CA PHE E 84 16.45 -11.06 -0.98
C PHE E 84 15.97 -11.21 0.45
N THR E 85 16.86 -10.91 1.39
CA THR E 85 16.54 -10.88 2.81
C THR E 85 16.95 -9.52 3.37
N VAL E 86 16.11 -8.96 4.23
CA VAL E 86 16.33 -7.63 4.79
C VAL E 86 16.49 -7.76 6.29
N ALA E 87 17.58 -7.20 6.82
CA ALA E 87 17.79 -7.16 8.26
C ALA E 87 18.04 -5.73 8.69
N ALA E 88 18.21 -5.51 10.00
CA ALA E 88 18.39 -4.16 10.50
C ALA E 88 19.70 -3.54 10.03
N SER E 89 20.80 -4.28 10.14
CA SER E 89 22.11 -3.73 9.89
C SER E 89 22.65 -4.03 8.49
N GLN E 90 21.88 -4.71 7.64
CA GLN E 90 22.39 -5.04 6.32
C GLN E 90 21.25 -5.48 5.41
N VAL E 91 21.53 -5.46 4.11
CA VAL E 91 20.64 -5.98 3.08
C VAL E 91 21.48 -6.82 2.14
N ARG E 92 21.03 -8.03 1.82
CA ARG E 92 21.77 -8.89 0.92
C ARG E 92 20.83 -9.54 -0.10
N ILE E 93 21.32 -9.69 -1.32
CA ILE E 93 20.56 -10.23 -2.44
C ILE E 93 21.44 -11.21 -3.21
N THR E 94 20.82 -12.30 -3.67
CA THR E 94 21.53 -13.33 -4.42
C THR E 94 21.04 -13.34 -5.87
N GLN E 95 21.69 -14.18 -6.69
CA GLN E 95 21.55 -14.14 -8.15
C GLN E 95 21.74 -12.74 -8.70
N THR E 96 22.86 -12.10 -8.35
CA THR E 96 23.19 -10.77 -8.85
C THR E 96 24.46 -10.78 -9.70
N SER E 97 24.72 -11.87 -10.42
CA SER E 97 25.91 -11.93 -11.25
C SER E 97 25.84 -10.96 -12.42
N LEU E 98 24.66 -10.83 -13.04
CA LEU E 98 24.56 -10.12 -14.30
C LEU E 98 24.16 -8.66 -14.16
N VAL E 99 23.76 -8.20 -12.98
CA VAL E 99 23.27 -6.83 -12.85
C VAL E 99 24.42 -5.85 -13.07
N PRO E 100 24.23 -4.81 -13.87
CA PRO E 100 25.35 -3.95 -14.28
C PRO E 100 25.70 -2.92 -13.20
N THR E 101 26.78 -2.19 -13.48
CA THR E 101 27.30 -1.20 -12.55
C THR E 101 26.41 0.04 -12.53
N SER E 102 26.38 0.72 -11.39
CA SER E 102 25.66 1.98 -11.19
C SER E 102 24.15 1.81 -11.36
N ALA E 103 23.66 0.58 -11.29
CA ALA E 103 22.25 0.34 -11.48
C ALA E 103 21.44 0.89 -10.30
N PRO E 104 20.25 1.41 -10.57
CA PRO E 104 19.40 1.89 -9.48
C PRO E 104 18.66 0.74 -8.82
N ILE E 105 18.70 0.71 -7.49
CA ILE E 105 17.98 -0.27 -6.70
C ILE E 105 17.21 0.47 -5.62
N THR E 106 15.94 0.13 -5.46
CA THR E 106 15.05 0.81 -4.55
C THR E 106 14.38 -0.20 -3.63
N LEU E 107 14.41 0.07 -2.33
CA LEU E 107 13.80 -0.78 -1.32
C LEU E 107 12.70 0.01 -0.64
N VAL E 108 11.48 -0.51 -0.69
CA VAL E 108 10.30 0.19 -0.19
C VAL E 108 9.80 -0.53 1.05
N VAL E 109 9.56 0.23 2.11
CA VAL E 109 9.04 -0.30 3.36
C VAL E 109 7.71 0.39 3.64
N ASN E 110 6.64 -0.38 3.71
CA ASN E 110 5.34 0.12 4.11
C ASN E 110 5.08 -0.31 5.54
N ASN E 111 4.95 0.66 6.45
CA ASN E 111 4.63 0.39 7.83
C ASN E 111 3.34 1.11 8.18
N PHE E 112 2.41 0.37 8.77
CA PHE E 112 1.12 0.92 9.19
C PHE E 112 1.01 0.82 10.69
N ALA E 113 0.63 1.92 11.34
CA ALA E 113 0.47 1.99 12.79
C ALA E 113 -0.91 2.57 13.08
N PRO E 114 -1.95 1.76 12.94
CA PRO E 114 -3.31 2.28 13.12
C PRO E 114 -3.56 2.76 14.54
N THR E 115 -4.44 3.75 14.66
CA THR E 115 -4.90 4.25 15.93
C THR E 115 -6.42 4.30 15.92
N SER E 116 -7.01 4.20 17.11
CA SER E 116 -8.46 4.22 17.22
C SER E 116 -8.85 4.69 18.61
N THR E 117 -9.91 5.51 18.66
CA THR E 117 -10.50 5.95 19.90
C THR E 117 -12.00 5.73 19.84
N SER E 118 -12.63 5.53 20.99
CA SER E 118 -14.04 5.16 21.03
C SER E 118 -14.72 5.82 22.20
N THR E 119 -16.05 5.93 22.11
CA THR E 119 -16.88 6.45 23.18
C THR E 119 -18.07 5.52 23.37
N THR E 120 -18.48 5.35 24.62
CA THR E 120 -19.58 4.46 24.95
C THR E 120 -20.63 5.22 25.74
N THR E 121 -21.89 5.11 25.31
CA THR E 121 -23.01 5.73 25.98
C THR E 121 -23.89 4.64 26.57
N VAL E 122 -24.17 4.73 27.87
CA VAL E 122 -24.98 3.76 28.58
C VAL E 122 -26.20 4.46 29.13
N ARG E 123 -27.38 3.92 28.86
CA ARG E 123 -28.63 4.48 29.36
C ARG E 123 -29.30 3.48 30.28
N SER E 124 -30.17 3.99 31.14
CA SER E 124 -30.85 3.15 32.13
C SER E 124 -32.32 2.97 31.77
N THR F 3 -5.37 5.00 -21.80
CA THR F 3 -6.20 4.17 -22.66
C THR F 3 -5.30 3.26 -23.48
N SER F 4 -4.03 3.65 -23.60
CA SER F 4 -3.07 2.94 -24.43
C SER F 4 -1.97 2.35 -23.56
N LEU F 5 -1.35 1.30 -24.06
CA LEU F 5 -0.21 0.69 -23.38
C LEU F 5 0.93 1.70 -23.28
N PHE F 6 1.63 1.67 -22.15
CA PHE F 6 2.69 2.62 -21.87
C PHE F 6 4.02 1.90 -21.95
N LYS F 7 4.96 2.47 -22.69
CA LYS F 7 6.27 1.86 -22.90
C LYS F 7 7.38 2.84 -22.55
N LEU F 8 8.55 2.30 -22.25
CA LEU F 8 9.72 3.08 -21.91
C LEU F 8 10.36 3.61 -23.19
N VAL F 9 10.75 4.88 -23.18
CA VAL F 9 11.37 5.50 -24.35
C VAL F 9 12.87 5.62 -24.09
N MET F 10 13.66 5.03 -24.97
CA MET F 10 15.10 5.17 -24.95
C MET F 10 15.60 5.19 -26.38
N SER F 11 16.81 5.71 -26.56
CA SER F 11 17.41 5.79 -27.89
C SER F 11 18.92 5.68 -27.74
N ALA F 12 19.60 5.50 -28.87
CA ALA F 12 21.03 5.23 -28.87
C ALA F 12 21.73 6.10 -29.91
N THR F 13 23.04 5.98 -29.95
CA THR F 13 23.87 6.70 -30.90
C THR F 13 25.09 5.84 -31.22
N THR F 14 25.41 5.74 -32.51
CA THR F 14 26.45 4.84 -32.98
C THR F 14 27.48 5.63 -33.77
N SER F 15 28.76 5.35 -33.52
CA SER F 15 29.87 5.92 -34.26
C SER F 15 30.67 4.79 -34.87
N THR F 16 30.92 4.87 -36.18
CA THR F 16 31.56 3.80 -36.93
C THR F 16 32.76 4.34 -37.69
N THR F 17 33.88 3.62 -37.63
CA THR F 17 35.08 3.95 -38.36
C THR F 17 35.46 2.78 -39.24
N THR F 18 35.78 3.05 -40.51
CA THR F 18 36.08 2.01 -41.48
C THR F 18 37.41 2.30 -42.16
N ASP F 19 38.24 1.27 -42.29
CA ASP F 19 39.51 1.35 -43.01
C ASP F 19 39.51 0.29 -44.10
N THR F 20 39.93 0.69 -45.30
CA THR F 20 39.87 -0.23 -46.44
C THR F 20 40.83 -1.40 -46.28
N ASN F 21 42.01 -1.14 -45.73
CA ASN F 21 43.05 -2.16 -45.59
C ASN F 21 43.37 -2.83 -46.94
N PRO F 22 43.96 -2.09 -47.88
CA PRO F 22 44.26 -2.68 -49.18
C PRO F 22 45.50 -3.55 -49.13
N GLU F 23 45.45 -4.64 -49.89
CA GLU F 23 46.61 -5.47 -50.16
C GLU F 23 46.71 -5.67 -51.66
N VAL F 24 47.84 -5.27 -52.24
CA VAL F 24 48.02 -5.29 -53.68
C VAL F 24 49.13 -6.28 -53.99
N GLU F 25 48.80 -7.30 -54.77
CA GLU F 25 49.75 -8.33 -55.15
C GLU F 25 50.20 -8.09 -56.58
N ARG F 26 51.51 -8.15 -56.81
CA ARG F 26 52.08 -7.98 -58.14
C ARG F 26 52.93 -9.17 -58.50
N TYR F 27 52.80 -9.63 -59.75
CA TYR F 27 53.58 -10.74 -60.24
C TYR F 27 54.10 -10.41 -61.63
N PHE F 28 55.19 -11.07 -62.02
CA PHE F 28 55.93 -10.68 -63.20
C PHE F 28 56.40 -11.92 -63.96
N TYR F 29 56.51 -11.78 -65.28
CA TYR F 29 56.92 -12.89 -66.12
C TYR F 29 57.56 -12.37 -67.40
N ARG F 30 58.54 -13.10 -67.89
CA ARG F 30 59.18 -12.82 -69.16
C ARG F 30 58.89 -13.96 -70.12
N LEU F 31 58.43 -13.62 -71.32
CA LEU F 31 57.89 -14.62 -72.23
C LEU F 31 59.01 -15.36 -72.92
N ASN F 32 59.09 -16.63 -72.68
CA ASN F 32 59.96 -17.48 -73.48
C ASN F 32 59.13 -18.39 -74.37
N PRO F 33 59.61 -18.73 -75.56
CA PRO F 33 58.83 -19.59 -76.44
C PRO F 33 58.84 -21.04 -75.98
N ALA F 34 58.59 -21.25 -74.69
CA ALA F 34 58.54 -22.59 -74.12
C ALA F 34 57.10 -23.05 -73.90
N GLN F 35 56.31 -22.27 -73.19
CA GLN F 35 54.91 -22.60 -72.94
C GLN F 35 54.02 -21.96 -74.00
N ARG F 36 54.37 -22.17 -75.26
CA ARG F 36 53.73 -21.51 -76.38
C ARG F 36 53.17 -22.57 -77.32
N THR F 37 51.97 -22.33 -77.83
CA THR F 37 51.22 -23.35 -78.56
C THR F 37 50.40 -22.66 -79.64
N SER F 38 49.44 -23.39 -80.20
CA SER F 38 48.60 -22.89 -81.28
C SER F 38 47.69 -21.79 -80.79
N GLY F 39 48.23 -20.58 -80.66
CA GLY F 39 47.46 -19.44 -80.22
C GLY F 39 46.99 -19.54 -78.79
N THR F 40 47.86 -20.03 -77.90
CA THR F 40 47.52 -20.13 -76.49
C THR F 40 48.80 -20.10 -75.66
N LEU F 41 48.75 -19.44 -74.50
CA LEU F 41 49.91 -19.24 -73.64
C LEU F 41 49.53 -19.58 -72.22
N THR F 42 49.86 -20.79 -71.78
CA THR F 42 49.58 -21.24 -70.42
C THR F 42 50.86 -21.11 -69.62
N ILE F 43 50.85 -20.22 -68.63
CA ILE F 43 52.04 -19.91 -67.85
C ILE F 43 51.96 -20.69 -66.54
N PRO F 44 52.94 -21.51 -66.21
CA PRO F 44 52.95 -22.17 -64.91
C PRO F 44 53.04 -21.15 -63.79
N SER F 45 52.28 -21.40 -62.73
CA SER F 45 52.28 -20.49 -61.59
C SER F 45 53.61 -20.50 -60.85
N THR F 46 54.49 -21.45 -61.14
CA THR F 46 55.77 -21.57 -60.47
C THR F 46 56.82 -20.60 -61.00
N SER F 47 56.56 -19.92 -62.12
CA SER F 47 57.56 -19.10 -62.77
C SER F 47 57.43 -17.61 -62.46
N PHE F 48 56.38 -17.19 -61.77
CA PHE F 48 56.20 -15.77 -61.49
C PHE F 48 57.14 -15.32 -60.38
N THR F 49 57.45 -14.03 -60.38
CA THR F 49 58.23 -13.39 -59.34
C THR F 49 57.41 -12.29 -58.71
N ASN F 50 57.45 -12.22 -57.38
CA ASN F 50 56.59 -11.28 -56.65
C ASN F 50 57.17 -9.88 -56.72
N SER F 51 56.55 -8.97 -55.97
CA SER F 51 57.02 -7.59 -55.90
C SER F 51 58.31 -7.46 -55.10
N SER F 52 58.73 -8.51 -54.40
CA SER F 52 59.98 -8.51 -53.66
C SER F 52 61.14 -9.00 -54.49
N GLY F 53 60.93 -9.29 -55.77
CA GLY F 53 61.98 -9.86 -56.59
C GLY F 53 62.23 -11.32 -56.33
N ALA F 54 61.34 -12.00 -55.60
CA ALA F 54 61.49 -13.41 -55.29
C ALA F 54 60.41 -14.22 -55.99
N ALA F 55 60.81 -15.40 -56.47
CA ALA F 55 59.86 -16.29 -57.13
C ALA F 55 58.81 -16.79 -56.15
N VAL F 56 57.59 -16.94 -56.64
CA VAL F 56 56.52 -17.48 -55.81
C VAL F 56 56.74 -18.97 -55.59
N THR F 57 56.24 -19.48 -54.48
CA THR F 57 56.50 -20.84 -54.05
C THR F 57 55.37 -21.80 -54.42
N SER F 58 54.16 -21.53 -53.93
CA SER F 58 53.07 -22.48 -54.08
C SER F 58 51.92 -21.98 -54.95
N ASN F 59 51.37 -20.80 -54.67
CA ASN F 59 50.13 -20.43 -55.35
C ASN F 59 50.05 -18.93 -55.53
N ILE F 60 49.20 -18.54 -56.46
CA ILE F 60 48.90 -17.14 -56.74
C ILE F 60 47.74 -16.71 -55.87
N VAL F 61 47.85 -15.54 -55.24
CA VAL F 61 46.74 -14.99 -54.48
C VAL F 61 45.67 -14.53 -55.45
N THR F 62 44.56 -15.26 -55.50
CA THR F 62 43.48 -14.93 -56.42
C THR F 62 42.75 -13.69 -55.95
N ALA F 63 41.85 -13.19 -56.79
CA ALA F 63 41.03 -12.07 -56.42
C ALA F 63 40.15 -12.44 -55.23
N ALA F 64 40.00 -11.51 -54.30
CA ALA F 64 39.15 -11.76 -53.14
C ALA F 64 37.71 -11.98 -53.61
N THR F 65 37.04 -12.92 -52.96
CA THR F 65 35.67 -13.24 -53.34
C THR F 65 34.78 -12.02 -53.18
N ASP F 66 34.28 -11.51 -54.30
CA ASP F 66 33.39 -10.35 -54.33
C ASP F 66 34.04 -9.12 -53.71
N ASN F 67 35.37 -9.05 -53.73
CA ASN F 67 36.03 -7.91 -53.10
C ASN F 67 37.26 -7.43 -53.87
N GLY F 68 37.40 -7.76 -55.15
CA GLY F 68 38.61 -7.37 -55.85
C GLY F 68 38.44 -7.40 -57.35
N TYR F 69 39.54 -7.10 -58.04
CA TYR F 69 39.55 -7.04 -59.49
C TYR F 69 40.97 -7.27 -59.99
N TYR F 70 41.09 -7.51 -61.29
CA TYR F 70 42.36 -7.85 -61.92
C TYR F 70 42.75 -6.80 -62.96
N LEU F 71 44.04 -6.58 -63.10
CA LEU F 71 44.60 -5.81 -64.20
C LEU F 71 45.75 -6.59 -64.82
N LEU F 72 45.79 -6.62 -66.15
CA LEU F 72 46.79 -7.38 -66.89
C LEU F 72 47.52 -6.46 -67.85
N PHE F 73 48.85 -6.57 -67.87
CA PHE F 73 49.69 -5.74 -68.72
C PHE F 73 50.52 -6.62 -69.64
N ILE F 74 50.41 -6.38 -70.95
CA ILE F 74 51.22 -7.05 -71.96
C ILE F 74 51.86 -5.97 -72.82
N ASN F 75 53.20 -5.90 -72.78
CA ASN F 75 53.95 -4.92 -73.57
C ASN F 75 53.45 -3.50 -73.35
N GLY F 76 52.94 -3.21 -72.16
CA GLY F 76 52.44 -1.89 -71.85
C GLY F 76 51.06 -1.58 -72.39
N ALA F 77 50.42 -2.52 -73.05
CA ALA F 77 49.07 -2.33 -73.57
C ALA F 77 48.10 -3.04 -72.62
N PHE F 78 47.14 -2.29 -72.10
CA PHE F 78 46.19 -2.87 -71.16
C PHE F 78 45.26 -3.82 -71.91
N GLN F 79 44.74 -4.82 -71.20
CA GLN F 79 44.07 -5.93 -71.85
C GLN F 79 42.63 -6.10 -71.36
N GLU F 80 41.97 -7.09 -71.96
CA GLU F 80 40.59 -7.47 -71.69
C GLU F 80 40.51 -8.54 -70.61
N THR F 81 39.41 -8.50 -69.84
CA THR F 81 39.11 -9.58 -68.91
C THR F 81 38.90 -10.88 -69.67
N SER F 82 38.15 -10.82 -70.78
CA SER F 82 37.88 -12.00 -71.58
C SER F 82 39.14 -12.60 -72.19
N LEU F 83 40.19 -11.80 -72.36
CA LEU F 83 41.39 -12.26 -73.03
C LEU F 83 42.16 -13.31 -72.24
N PHE F 84 41.90 -13.46 -70.94
CA PHE F 84 42.69 -14.36 -70.12
C PHE F 84 41.84 -14.86 -68.96
N THR F 85 42.28 -15.97 -68.38
CA THR F 85 41.68 -16.53 -67.19
C THR F 85 42.77 -16.80 -66.16
N VAL F 86 42.46 -16.53 -64.89
CA VAL F 86 43.42 -16.66 -63.81
C VAL F 86 42.90 -17.68 -62.82
N ALA F 87 43.71 -18.67 -62.51
CA ALA F 87 43.37 -19.65 -61.48
C ALA F 87 44.46 -19.67 -60.41
N ALA F 88 44.31 -20.52 -59.41
CA ALA F 88 45.27 -20.54 -58.31
C ALA F 88 46.63 -21.04 -58.78
N SER F 89 46.65 -22.17 -59.49
CA SER F 89 47.89 -22.81 -59.89
C SER F 89 48.22 -22.63 -61.36
N GLN F 90 47.36 -21.97 -62.13
CA GLN F 90 47.58 -21.86 -63.57
C GLN F 90 47.12 -20.49 -64.05
N VAL F 91 47.83 -19.97 -65.04
CA VAL F 91 47.48 -18.74 -65.73
C VAL F 91 47.64 -18.97 -67.22
N ARG F 92 46.57 -18.72 -67.98
CA ARG F 92 46.62 -18.95 -69.43
C ARG F 92 45.97 -17.80 -70.16
N ILE F 93 46.47 -17.52 -71.36
CA ILE F 93 45.98 -16.45 -72.23
C ILE F 93 45.86 -16.97 -73.65
N THR F 94 44.79 -16.58 -74.33
CA THR F 94 44.58 -16.91 -75.74
C THR F 94 44.93 -15.70 -76.61
N GLN F 95 44.97 -15.94 -77.92
CA GLN F 95 45.27 -14.90 -78.91
C GLN F 95 46.65 -14.30 -78.66
N THR F 96 47.67 -15.15 -78.62
CA THR F 96 49.04 -14.73 -78.34
C THR F 96 50.04 -15.21 -79.38
N SER F 97 49.61 -15.33 -80.65
CA SER F 97 50.51 -15.82 -81.68
C SER F 97 51.66 -14.84 -81.93
N LEU F 98 51.38 -13.54 -81.90
CA LEU F 98 52.32 -12.55 -82.39
C LEU F 98 53.20 -11.93 -81.31
N VAL F 99 52.90 -12.16 -80.04
CA VAL F 99 53.66 -11.50 -78.97
C VAL F 99 55.10 -11.99 -78.97
N PRO F 100 56.08 -11.11 -78.86
CA PRO F 100 57.47 -11.49 -79.09
C PRO F 100 58.12 -12.12 -77.86
N THR F 101 59.35 -12.60 -78.05
CA THR F 101 60.09 -13.28 -77.00
C THR F 101 60.61 -12.29 -75.97
N SER F 102 60.76 -12.75 -74.73
CA SER F 102 61.30 -11.97 -73.62
C SER F 102 60.43 -10.77 -73.28
N ALA F 103 59.19 -10.77 -73.72
CA ALA F 103 58.30 -9.64 -73.47
C ALA F 103 57.92 -9.57 -71.99
N PRO F 104 57.64 -8.37 -71.49
CA PRO F 104 57.24 -8.25 -70.08
C PRO F 104 55.74 -8.46 -69.91
N ILE F 105 55.39 -9.24 -68.90
CA ILE F 105 54.01 -9.51 -68.54
C ILE F 105 53.80 -9.11 -67.09
N THR F 106 52.80 -8.28 -66.85
CA THR F 106 52.48 -7.82 -65.50
C THR F 106 51.02 -8.10 -65.20
N LEU F 107 50.77 -8.76 -64.09
CA LEU F 107 49.43 -9.11 -63.65
C LEU F 107 49.21 -8.49 -62.28
N VAL F 108 48.19 -7.63 -62.16
CA VAL F 108 47.95 -6.84 -60.96
C VAL F 108 46.71 -7.40 -60.27
N VAL F 109 46.85 -7.70 -58.98
CA VAL F 109 45.75 -8.20 -58.16
C VAL F 109 45.47 -7.16 -57.09
N ASN F 110 44.25 -6.66 -57.07
CA ASN F 110 43.80 -5.75 -56.03
C ASN F 110 42.84 -6.51 -55.11
N ASN F 111 43.22 -6.66 -53.85
CA ASN F 111 42.38 -7.28 -52.85
C ASN F 111 42.17 -6.29 -51.71
N PHE F 112 40.90 -6.08 -51.34
CA PHE F 112 40.55 -5.18 -50.26
C PHE F 112 39.91 -5.97 -49.14
N ALA F 113 40.37 -5.72 -47.91
CA ALA F 113 39.88 -6.40 -46.72
C ALA F 113 39.46 -5.34 -45.71
N PRO F 114 38.31 -4.71 -45.92
CA PRO F 114 37.89 -3.64 -45.03
C PRO F 114 37.65 -4.13 -43.61
N THR F 115 37.88 -3.23 -42.66
CA THR F 115 37.59 -3.48 -41.26
C THR F 115 36.84 -2.29 -40.69
N SER F 116 36.02 -2.56 -39.69
CA SER F 116 35.22 -1.50 -39.07
C SER F 116 34.89 -1.88 -37.64
N THR F 117 35.06 -0.92 -36.73
CA THR F 117 34.67 -1.08 -35.34
C THR F 117 33.75 0.07 -34.96
N SER F 118 32.85 -0.17 -34.02
CA SER F 118 31.81 0.79 -33.70
C SER F 118 31.53 0.79 -32.21
N THR F 119 30.98 1.90 -31.73
CA THR F 119 30.58 2.06 -30.35
C THR F 119 29.16 2.61 -30.31
N THR F 120 28.37 2.14 -29.35
CA THR F 120 26.98 2.55 -29.21
C THR F 120 26.76 3.11 -27.81
N THR F 121 26.19 4.30 -27.73
CA THR F 121 25.86 4.95 -26.47
C THR F 121 24.34 5.03 -26.35
N VAL F 122 23.81 4.47 -25.27
CA VAL F 122 22.38 4.42 -25.03
C VAL F 122 22.08 5.21 -23.76
N ARG F 123 21.13 6.13 -23.84
CA ARG F 123 20.73 6.91 -22.69
C ARG F 123 19.27 6.61 -22.36
N SER F 124 18.90 6.84 -21.10
CA SER F 124 17.54 6.57 -20.67
C SER F 124 16.94 7.80 -20.00
N THR G 3 -90.16 -5.26 92.61
CA THR G 3 -90.59 -6.53 92.06
C THR G 3 -89.40 -7.20 91.39
N SER G 4 -88.34 -6.43 91.16
CA SER G 4 -87.14 -6.93 90.52
C SER G 4 -85.93 -6.66 91.40
N LEU G 5 -84.90 -7.48 91.23
CA LEU G 5 -83.67 -7.31 91.97
C LEU G 5 -83.01 -5.99 91.63
N PHE G 6 -82.46 -5.33 92.64
CA PHE G 6 -81.84 -4.02 92.48
C PHE G 6 -80.33 -4.17 92.59
N LYS G 7 -79.62 -3.61 91.62
CA LYS G 7 -78.16 -3.66 91.59
C LYS G 7 -77.58 -2.25 91.53
N LEU G 8 -76.36 -2.12 92.04
CA LEU G 8 -75.66 -0.85 92.04
C LEU G 8 -75.23 -0.51 90.62
N VAL G 9 -75.28 0.77 90.28
CA VAL G 9 -74.93 1.23 88.95
C VAL G 9 -73.60 1.98 89.01
N MET G 10 -72.64 1.54 88.19
CA MET G 10 -71.34 2.19 88.17
C MET G 10 -70.83 2.18 86.74
N SER G 11 -69.89 3.08 86.47
CA SER G 11 -69.32 3.17 85.13
C SER G 11 -67.83 3.48 85.28
N ALA G 12 -67.09 3.23 84.21
CA ALA G 12 -65.65 3.41 84.23
C ALA G 12 -65.21 4.10 82.93
N THR G 13 -63.93 4.47 82.89
CA THR G 13 -63.34 5.10 81.71
C THR G 13 -61.88 4.68 81.62
N THR G 14 -61.44 4.36 80.41
CA THR G 14 -60.10 3.85 80.18
C THR G 14 -59.43 4.68 79.08
N SER G 15 -58.16 5.01 79.30
CA SER G 15 -57.34 5.72 78.34
C SER G 15 -56.11 4.88 78.05
N THR G 16 -55.81 4.69 76.77
CA THR G 16 -54.73 3.79 76.34
C THR G 16 -53.79 4.53 75.40
N THR G 17 -52.49 4.33 75.59
CA THR G 17 -51.47 4.89 74.71
C THR G 17 -50.58 3.77 74.21
N THR G 18 -50.30 3.76 72.91
CA THR G 18 -49.57 2.68 72.27
C THR G 18 -48.36 3.24 71.52
N ASP G 19 -47.25 2.54 71.57
CA ASP G 19 -46.04 2.88 70.84
C ASP G 19 -45.53 1.65 70.12
N THR G 20 -45.24 1.80 68.82
CA THR G 20 -44.85 0.64 68.01
C THR G 20 -43.50 0.09 68.43
N ASN G 21 -42.53 0.97 68.73
CA ASN G 21 -41.17 0.58 69.03
C ASN G 21 -40.56 -0.27 67.90
N PRO G 22 -40.35 0.32 66.73
CA PRO G 22 -39.75 -0.45 65.64
C PRO G 22 -38.30 -0.81 65.92
N GLU G 23 -37.91 -1.97 65.42
CA GLU G 23 -36.53 -2.42 65.44
C GLU G 23 -36.21 -2.98 64.06
N VAL G 24 -35.32 -2.30 63.34
CA VAL G 24 -34.97 -2.66 61.97
C VAL G 24 -33.54 -3.15 61.97
N GLU G 25 -33.34 -4.40 61.59
CA GLU G 25 -32.03 -5.01 61.49
C GLU G 25 -31.59 -5.04 60.04
N ARG G 26 -30.36 -4.63 59.78
CA ARG G 26 -29.81 -4.64 58.44
C ARG G 26 -28.54 -5.47 58.41
N TYR G 27 -28.40 -6.25 57.33
CA TYR G 27 -27.22 -7.07 57.13
C TYR G 27 -26.78 -6.93 55.68
N PHE G 28 -25.51 -7.24 55.43
CA PHE G 28 -24.92 -7.02 54.12
C PHE G 28 -23.98 -8.15 53.78
N TYR G 29 -23.82 -8.38 52.48
CA TYR G 29 -22.99 -9.47 51.98
C TYR G 29 -22.50 -9.15 50.58
N ARG G 30 -21.28 -9.57 50.28
CA ARG G 30 -20.71 -9.46 48.95
C ARG G 30 -20.53 -10.86 48.38
N LEU G 31 -21.00 -11.06 47.15
CA LEU G 31 -21.09 -12.40 46.59
C LEU G 31 -19.75 -12.82 46.00
N ASN G 32 -19.12 -13.76 46.62
CA ASN G 32 -17.99 -14.39 45.97
C ASN G 32 -18.39 -15.74 45.41
N PRO G 33 -17.77 -16.19 44.33
CA PRO G 33 -18.15 -17.50 43.77
C PRO G 33 -17.61 -18.65 44.60
N ALA G 34 -17.83 -18.58 45.92
CA ALA G 34 -17.34 -19.58 46.84
C ALA G 34 -18.47 -20.51 47.31
N GLN G 35 -19.53 -19.94 47.86
CA GLN G 35 -20.68 -20.73 48.30
C GLN G 35 -21.72 -20.86 47.20
N ARG G 36 -21.24 -21.28 46.03
CA ARG G 36 -22.02 -21.25 44.81
C ARG G 36 -22.07 -22.66 44.23
N THR G 37 -23.24 -23.03 43.72
CA THR G 37 -23.49 -24.41 43.31
C THR G 37 -24.43 -24.39 42.11
N SER G 38 -24.99 -25.57 41.80
CA SER G 38 -25.87 -25.72 40.64
C SER G 38 -27.19 -25.01 40.87
N GLY G 39 -27.20 -23.71 40.61
CA GLY G 39 -28.41 -22.91 40.77
C GLY G 39 -28.88 -22.81 42.20
N THR G 40 -27.93 -22.65 43.13
CA THR G 40 -28.27 -22.48 44.54
C THR G 40 -27.15 -21.73 45.24
N LEU G 41 -27.50 -20.83 46.16
CA LEU G 41 -26.54 -19.98 46.83
C LEU G 41 -26.84 -19.98 48.32
N THR G 42 -26.13 -20.81 49.08
CA THR G 42 -26.31 -20.89 50.52
C THR G 42 -25.20 -20.07 51.16
N ILE G 43 -25.58 -18.98 51.81
CA ILE G 43 -24.62 -18.04 52.40
C ILE G 43 -24.55 -18.31 53.89
N PRO G 44 -23.38 -18.57 54.45
CA PRO G 44 -23.28 -18.78 55.90
C PRO G 44 -23.66 -17.52 56.66
N SER G 45 -24.33 -17.75 57.79
CA SER G 45 -24.75 -16.62 58.63
C SER G 45 -23.57 -15.89 59.27
N THR G 46 -22.37 -16.45 59.20
CA THR G 46 -21.19 -15.83 59.80
C THR G 46 -20.60 -14.72 58.95
N SER G 47 -20.97 -14.64 57.67
CA SER G 47 -20.34 -13.71 56.75
C SER G 47 -21.04 -12.36 56.66
N PHE G 48 -22.18 -12.19 57.32
CA PHE G 48 -22.93 -10.96 57.20
C PHE G 48 -22.34 -9.87 58.10
N THR G 49 -22.47 -8.63 57.65
CA THR G 49 -22.04 -7.46 58.41
C THR G 49 -23.26 -6.62 58.74
N ASN G 50 -23.36 -6.19 59.99
CA ASN G 50 -24.56 -5.52 60.46
C ASN G 50 -24.61 -4.07 59.98
N SER G 51 -25.63 -3.35 60.45
CA SER G 51 -25.77 -1.93 60.13
C SER G 51 -24.71 -1.08 60.80
N SER G 52 -23.99 -1.62 61.78
CA SER G 52 -22.91 -0.89 62.44
C SER G 52 -21.59 -1.04 61.71
N GLY G 53 -21.56 -1.75 60.59
CA GLY G 53 -20.31 -2.03 59.92
C GLY G 53 -19.49 -3.14 60.56
N ALA G 54 -20.09 -3.92 61.45
CA ALA G 54 -19.41 -5.01 62.13
C ALA G 54 -19.99 -6.34 61.70
N ALA G 55 -19.12 -7.34 61.60
CA ALA G 55 -19.58 -8.67 61.25
C ALA G 55 -20.43 -9.27 62.36
N VAL G 56 -21.49 -9.97 61.97
CA VAL G 56 -22.34 -10.63 62.94
C VAL G 56 -21.58 -11.78 63.58
N THR G 57 -21.92 -12.09 64.83
CA THR G 57 -21.16 -13.05 65.62
C THR G 57 -21.82 -14.43 65.65
N SER G 58 -23.06 -14.52 66.10
CA SER G 58 -23.67 -15.81 66.34
C SER G 58 -24.84 -16.12 65.41
N ASN G 59 -25.82 -15.22 65.31
CA ASN G 59 -27.00 -15.55 64.52
C ASN G 59 -27.66 -14.28 64.02
N ILE G 60 -28.53 -14.45 63.05
CA ILE G 60 -29.29 -13.35 62.47
C ILE G 60 -30.63 -13.25 63.20
N VAL G 61 -31.00 -12.04 63.59
CA VAL G 61 -32.28 -11.83 64.26
C VAL G 61 -33.38 -12.13 63.27
N THR G 62 -34.09 -13.24 63.48
CA THR G 62 -35.13 -13.66 62.55
C THR G 62 -36.33 -12.72 62.65
N ALA G 63 -37.30 -12.95 61.77
CA ALA G 63 -38.54 -12.20 61.82
C ALA G 63 -39.26 -12.51 63.12
N ALA G 64 -39.77 -11.46 63.76
CA ALA G 64 -40.56 -11.66 64.97
C ALA G 64 -41.76 -12.54 64.67
N THR G 65 -42.02 -13.48 65.56
CA THR G 65 -43.13 -14.41 65.36
C THR G 65 -44.43 -13.64 65.24
N ASP G 66 -45.04 -13.72 64.07
CA ASP G 66 -46.35 -13.11 63.80
C ASP G 66 -46.29 -11.58 63.99
N ASN G 67 -45.11 -10.99 63.85
CA ASN G 67 -44.98 -9.56 64.08
C ASN G 67 -44.01 -8.86 63.15
N GLY G 68 -43.62 -9.48 62.03
CA GLY G 68 -42.61 -8.86 61.19
C GLY G 68 -42.68 -9.34 59.76
N TYR G 69 -41.74 -8.84 58.95
CA TYR G 69 -41.69 -9.17 57.53
C TYR G 69 -40.26 -8.96 57.04
N TYR G 70 -39.99 -9.48 55.84
CA TYR G 70 -38.66 -9.46 55.26
C TYR G 70 -38.65 -8.69 53.94
N LEU G 71 -37.51 -8.05 53.66
CA LEU G 71 -37.22 -7.47 52.36
C LEU G 71 -35.83 -7.90 51.93
N LEU G 72 -35.69 -8.30 50.66
CA LEU G 72 -34.43 -8.78 50.12
C LEU G 72 -34.06 -7.97 48.90
N PHE G 73 -32.79 -7.54 48.83
CA PHE G 73 -32.28 -6.75 47.73
C PHE G 73 -31.12 -7.47 47.08
N ILE G 74 -31.21 -7.69 45.77
CA ILE G 74 -30.12 -8.25 44.98
C ILE G 74 -29.91 -7.34 43.77
N ASN G 75 -28.73 -6.74 43.69
CA ASN G 75 -28.39 -5.83 42.59
C ASN G 75 -29.43 -4.73 42.42
N GLY G 76 -30.01 -4.26 43.53
CA GLY G 76 -31.00 -3.21 43.48
C GLY G 76 -32.35 -3.61 42.95
N ALA G 77 -32.56 -4.89 42.65
CA ALA G 77 -33.84 -5.39 42.18
C ALA G 77 -34.52 -6.11 43.32
N PHE G 78 -35.74 -5.69 43.66
CA PHE G 78 -36.44 -6.30 44.77
C PHE G 78 -36.87 -7.71 44.38
N GLN G 79 -36.99 -8.59 45.38
CA GLN G 79 -37.13 -10.00 45.12
C GLN G 79 -38.40 -10.59 45.73
N GLU G 80 -38.63 -11.86 45.40
CA GLU G 80 -39.76 -12.64 45.85
C GLU G 80 -39.49 -13.29 47.20
N THR G 81 -40.56 -13.47 47.98
CA THR G 81 -40.45 -14.25 49.21
C THR G 81 -40.07 -15.69 48.91
N SER G 82 -40.70 -16.27 47.88
CA SER G 82 -40.43 -17.66 47.53
C SER G 82 -39.02 -17.87 47.03
N LEU G 83 -38.35 -16.82 46.56
CA LEU G 83 -37.02 -16.96 45.99
C LEU G 83 -35.97 -17.36 47.00
N PHE G 84 -36.21 -17.16 48.29
CA PHE G 84 -35.19 -17.41 49.29
C PHE G 84 -35.85 -17.85 50.59
N THR G 85 -35.06 -18.54 51.41
CA THR G 85 -35.48 -18.94 52.74
C THR G 85 -34.44 -18.46 53.75
N VAL G 86 -34.93 -17.94 54.88
CA VAL G 86 -34.07 -17.37 55.91
C VAL G 86 -34.21 -18.20 57.17
N ALA G 87 -33.09 -18.69 57.68
CA ALA G 87 -33.09 -19.44 58.93
C ALA G 87 -32.19 -18.76 59.94
N ALA G 88 -32.13 -19.31 61.16
CA ALA G 88 -31.34 -18.68 62.21
C ALA G 88 -29.86 -18.64 61.84
N SER G 89 -29.34 -19.75 61.33
CA SER G 89 -27.91 -19.88 61.07
C SER G 89 -27.57 -20.00 59.58
N GLN G 90 -28.57 -19.99 58.70
CA GLN G 90 -28.30 -20.20 57.29
C GLN G 90 -29.25 -19.35 56.46
N VAL G 91 -28.73 -18.85 55.33
CA VAL G 91 -29.51 -18.11 54.34
C VAL G 91 -29.18 -18.69 52.97
N ARG G 92 -30.22 -19.10 52.24
CA ARG G 92 -29.99 -19.71 50.94
C ARG G 92 -30.99 -19.17 49.93
N ILE G 93 -30.52 -19.03 48.68
CA ILE G 93 -31.32 -18.53 47.57
C ILE G 93 -31.10 -19.45 46.38
N THR G 94 -32.16 -19.73 45.64
CA THR G 94 -32.09 -20.57 44.45
C THR G 94 -32.15 -19.69 43.21
N GLN G 95 -31.89 -20.32 42.06
CA GLN G 95 -31.80 -19.64 40.77
C GLN G 95 -30.82 -18.47 40.80
N THR G 96 -29.60 -18.75 41.27
CA THR G 96 -28.54 -17.74 41.32
C THR G 96 -27.39 -18.07 40.38
N SER G 97 -27.68 -18.74 39.26
CA SER G 97 -26.62 -19.10 38.32
C SER G 97 -25.98 -17.86 37.71
N LEU G 98 -26.79 -16.86 37.34
CA LEU G 98 -26.31 -15.76 36.53
C LEU G 98 -25.86 -14.53 37.32
N VAL G 99 -26.10 -14.51 38.63
CA VAL G 99 -25.75 -13.31 39.41
C VAL G 99 -24.24 -13.14 39.43
N PRO G 100 -23.72 -11.93 39.21
CA PRO G 100 -22.27 -11.75 39.04
C PRO G 100 -21.53 -11.75 40.37
N THR G 101 -20.21 -11.67 40.27
CA THR G 101 -19.34 -11.70 41.43
C THR G 101 -19.31 -10.35 42.13
N SER G 102 -19.10 -10.37 43.44
CA SER G 102 -18.94 -9.17 44.26
C SER G 102 -20.22 -8.33 44.31
N ALA G 103 -21.34 -8.89 43.92
CA ALA G 103 -22.58 -8.16 43.89
C ALA G 103 -23.04 -7.82 45.29
N PRO G 104 -23.76 -6.71 45.47
CA PRO G 104 -24.29 -6.38 46.79
C PRO G 104 -25.63 -7.06 47.05
N ILE G 105 -25.69 -7.75 48.17
CA ILE G 105 -26.92 -8.41 48.62
C ILE G 105 -27.32 -7.76 49.94
N THR G 106 -28.57 -7.32 50.02
CA THR G 106 -29.08 -6.66 51.21
C THR G 106 -30.33 -7.37 51.69
N LEU G 107 -30.37 -7.69 52.97
CA LEU G 107 -31.50 -8.38 53.59
C LEU G 107 -32.03 -7.51 54.70
N VAL G 108 -33.31 -7.17 54.64
CA VAL G 108 -33.94 -6.22 55.55
C VAL G 108 -34.89 -6.98 56.45
N VAL G 109 -34.76 -6.77 57.76
CA VAL G 109 -35.63 -7.38 58.75
C VAL G 109 -36.33 -6.25 59.51
N ASN G 110 -37.65 -6.23 59.44
CA ASN G 110 -38.44 -5.29 60.20
C ASN G 110 -39.10 -6.04 61.36
N ASN G 111 -38.71 -5.70 62.58
CA ASN G 111 -39.30 -6.28 63.78
C ASN G 111 -40.01 -5.19 64.55
N PHE G 112 -41.25 -5.45 64.93
CA PHE G 112 -42.04 -4.52 65.71
C PHE G 112 -42.40 -5.16 67.04
N ALA G 113 -42.18 -4.42 68.12
CA ALA G 113 -42.51 -4.87 69.48
C ALA G 113 -43.34 -3.78 70.13
N PRO G 114 -44.63 -3.72 69.84
CA PRO G 114 -45.46 -2.65 70.39
C PRO G 114 -45.58 -2.74 71.91
N THR G 115 -45.80 -1.59 72.52
CA THR G 115 -46.08 -1.49 73.94
C THR G 115 -47.28 -0.59 74.16
N SER G 116 -47.98 -0.82 75.26
CA SER G 116 -49.16 -0.03 75.58
C SER G 116 -49.38 -0.03 77.08
N THR G 117 -49.74 1.13 77.62
CA THR G 117 -50.10 1.26 79.02
C THR G 117 -51.41 2.03 79.11
N SER G 118 -52.19 1.72 80.14
CA SER G 118 -53.55 2.26 80.24
C SER G 118 -53.86 2.63 81.68
N THR G 119 -54.85 3.51 81.84
CA THR G 119 -55.35 3.91 83.14
C THR G 119 -56.88 3.85 83.12
N THR G 120 -57.47 3.49 84.25
CA THR G 120 -58.91 3.33 84.35
C THR G 120 -59.44 4.09 85.56
N THR G 121 -60.48 4.87 85.36
CA THR G 121 -61.14 5.62 86.42
C THR G 121 -62.59 5.17 86.52
N VAL G 122 -63.04 4.88 87.73
CA VAL G 122 -64.39 4.34 87.97
C VAL G 122 -65.15 5.31 88.86
N ARG G 123 -66.39 5.59 88.49
CA ARG G 123 -67.26 6.46 89.27
C ARG G 123 -68.27 5.63 90.05
N SER G 124 -68.58 6.08 91.26
CA SER G 124 -69.63 5.46 92.06
C SER G 124 -70.86 6.36 92.08
N THR H 3 -40.69 15.26 40.63
CA THR H 3 -41.81 15.41 39.71
C THR H 3 -41.54 14.58 38.47
N SER H 4 -40.29 14.17 38.30
CA SER H 4 -39.87 13.46 37.10
C SER H 4 -39.35 12.08 37.48
N LEU H 5 -39.38 11.18 36.50
CA LEU H 5 -38.87 9.84 36.69
C LEU H 5 -37.38 9.86 37.02
N PHE H 6 -36.96 8.98 37.91
CA PHE H 6 -35.57 8.93 38.37
C PHE H 6 -34.91 7.69 37.76
N LYS H 7 -33.75 7.88 37.16
CA LYS H 7 -33.00 6.81 36.55
C LYS H 7 -31.57 6.75 37.09
N LEU H 8 -31.01 5.56 37.09
CA LEU H 8 -29.65 5.34 37.54
C LEU H 8 -28.67 5.88 36.50
N VAL H 9 -27.62 6.55 36.97
CA VAL H 9 -26.64 7.16 36.07
C VAL H 9 -25.33 6.42 36.19
N MET H 10 -24.84 5.90 35.06
CA MET H 10 -23.50 5.33 35.00
C MET H 10 -22.92 5.65 33.63
N SER H 11 -21.62 5.40 33.49
CA SER H 11 -20.95 5.56 32.21
C SER H 11 -19.86 4.51 32.10
N ALA H 12 -19.28 4.42 30.90
CA ALA H 12 -18.31 3.39 30.59
C ALA H 12 -17.12 3.99 29.88
N THR H 13 -16.11 3.16 29.63
CA THR H 13 -14.90 3.56 28.92
C THR H 13 -14.43 2.38 28.10
N THR H 14 -14.07 2.64 26.84
CA THR H 14 -13.68 1.59 25.91
C THR H 14 -12.33 1.92 25.31
N SER H 15 -11.48 0.91 25.21
CA SER H 15 -10.17 1.05 24.58
C SER H 15 -10.07 0.02 23.45
N THR H 16 -9.70 0.49 22.26
CA THR H 16 -9.67 -0.35 21.07
C THR H 16 -8.30 -0.30 20.44
N THR H 17 -7.76 -1.47 20.10
CA THR H 17 -6.48 -1.61 19.42
C THR H 17 -6.72 -2.28 18.07
N THR H 18 -6.10 -1.77 17.02
CA THR H 18 -6.34 -2.23 15.66
C THR H 18 -5.02 -2.59 15.00
N ASP H 19 -5.03 -3.67 14.22
CA ASP H 19 -3.89 -4.10 13.43
C ASP H 19 -4.36 -4.37 12.01
N THR H 20 -3.61 -3.90 11.03
CA THR H 20 -4.01 -4.08 9.64
C THR H 20 -3.82 -5.54 9.20
N ASN H 21 -2.75 -6.17 9.63
CA ASN H 21 -2.38 -7.51 9.17
C ASN H 21 -2.34 -7.60 7.64
N PRO H 22 -1.51 -6.83 6.97
CA PRO H 22 -1.42 -6.95 5.53
C PRO H 22 -0.73 -8.24 5.12
N GLU H 23 -1.22 -8.83 4.04
CA GLU H 23 -0.48 -9.87 3.36
C GLU H 23 -0.58 -9.60 1.86
N VAL H 24 0.57 -9.61 1.19
CA VAL H 24 0.68 -9.15 -0.18
C VAL H 24 1.06 -10.33 -1.05
N GLU H 25 0.30 -10.53 -2.11
CA GLU H 25 0.56 -11.61 -3.06
C GLU H 25 1.29 -11.05 -4.26
N ARG H 26 2.34 -11.73 -4.69
CA ARG H 26 3.11 -11.36 -5.85
C ARG H 26 3.16 -12.50 -6.84
N TYR H 27 3.00 -12.16 -8.12
CA TYR H 27 3.00 -13.15 -9.19
C TYR H 27 3.86 -12.63 -10.33
N PHE H 28 4.40 -13.56 -11.11
CA PHE H 28 5.29 -13.21 -12.20
C PHE H 28 4.97 -14.03 -13.43
N TYR H 29 5.29 -13.45 -14.59
CA TYR H 29 5.08 -14.13 -15.86
C TYR H 29 6.07 -13.61 -16.89
N ARG H 30 6.54 -14.51 -17.73
CA ARG H 30 7.40 -14.18 -18.86
C ARG H 30 6.61 -14.37 -20.15
N LEU H 31 6.61 -13.36 -21.00
CA LEU H 31 5.72 -13.34 -22.16
C LEU H 31 6.30 -14.17 -23.29
N ASN H 32 5.65 -15.22 -23.64
CA ASN H 32 5.99 -15.89 -24.88
C ASN H 32 4.88 -15.64 -25.90
N PRO H 33 5.21 -15.60 -27.19
CA PRO H 33 4.18 -15.37 -28.20
C PRO H 33 3.31 -16.59 -28.41
N ALA H 34 2.85 -17.19 -27.32
CA ALA H 34 2.01 -18.38 -27.37
C ALA H 34 0.55 -18.06 -27.10
N GLN H 35 0.26 -17.40 -25.99
CA GLN H 35 -1.10 -16.99 -25.66
C GLN H 35 -1.37 -15.57 -26.18
N ARG H 36 -1.07 -15.39 -27.46
CA ARG H 36 -1.05 -14.07 -28.08
C ARG H 36 -1.98 -14.09 -29.29
N THR H 37 -2.70 -13.00 -29.49
CA THR H 37 -3.77 -12.96 -30.49
C THR H 37 -3.84 -11.54 -31.05
N SER H 38 -4.94 -11.25 -31.75
CA SER H 38 -5.13 -9.96 -32.41
C SER H 38 -5.32 -8.85 -31.39
N GLY H 39 -4.21 -8.37 -30.83
CA GLY H 39 -4.25 -7.30 -29.85
C GLY H 39 -4.92 -7.70 -28.56
N THR H 40 -4.62 -8.91 -28.09
CA THR H 40 -5.16 -9.37 -26.81
C THR H 40 -4.23 -10.44 -26.24
N LEU H 41 -4.02 -10.42 -24.93
CA LEU H 41 -3.11 -11.34 -24.26
C LEU H 41 -3.81 -11.96 -23.07
N THR H 42 -4.31 -13.18 -23.26
CA THR H 42 -4.99 -13.92 -22.18
C THR H 42 -3.98 -14.92 -21.64
N ILE H 43 -3.57 -14.72 -20.39
CA ILE H 43 -2.55 -15.55 -19.75
C ILE H 43 -3.26 -16.55 -18.84
N PRO H 44 -3.00 -17.85 -18.98
CA PRO H 44 -3.61 -18.82 -18.07
C PRO H 44 -3.12 -18.61 -16.64
N SER H 45 -4.02 -18.85 -15.70
CA SER H 45 -3.67 -18.70 -14.29
C SER H 45 -2.68 -19.75 -13.81
N THR H 46 -2.41 -20.78 -14.60
CA THR H 46 -1.50 -21.83 -14.20
C THR H 46 -0.05 -21.51 -14.47
N SER H 47 0.25 -20.47 -15.26
CA SER H 47 1.61 -20.17 -15.65
C SER H 47 2.31 -19.19 -14.74
N PHE H 48 1.64 -18.65 -13.74
CA PHE H 48 2.26 -17.68 -12.86
C PHE H 48 3.13 -18.36 -11.81
N THR H 49 4.18 -17.67 -11.40
CA THR H 49 5.07 -18.13 -10.35
C THR H 49 4.79 -17.32 -9.08
N ASN H 50 4.59 -18.02 -7.98
CA ASN H 50 4.13 -17.40 -6.76
C ASN H 50 5.27 -16.68 -6.05
N SER H 51 4.99 -16.21 -4.82
CA SER H 51 5.96 -15.47 -4.04
C SER H 51 7.13 -16.32 -3.55
N SER H 52 7.02 -17.64 -3.63
CA SER H 52 8.10 -18.53 -3.25
C SER H 52 9.01 -18.90 -4.41
N GLY H 53 8.77 -18.32 -5.59
CA GLY H 53 9.49 -18.74 -6.76
C GLY H 53 9.02 -20.05 -7.35
N ALA H 54 7.84 -20.53 -6.96
CA ALA H 54 7.27 -21.75 -7.49
C ALA H 54 5.96 -21.42 -8.21
N ALA H 55 5.58 -22.30 -9.13
CA ALA H 55 4.38 -22.09 -9.90
C ALA H 55 3.13 -22.23 -9.02
N VAL H 56 2.15 -21.38 -9.29
CA VAL H 56 0.87 -21.48 -8.59
C VAL H 56 0.15 -22.74 -9.05
N THR H 57 -0.63 -23.32 -8.14
CA THR H 57 -1.24 -24.63 -8.36
C THR H 57 -2.65 -24.54 -8.94
N SER H 58 -3.56 -23.92 -8.20
CA SER H 58 -4.97 -23.99 -8.59
C SER H 58 -5.56 -22.63 -8.95
N ASN H 59 -5.31 -21.60 -8.15
CA ASN H 59 -5.94 -20.31 -8.44
C ASN H 59 -5.09 -19.18 -7.89
N ILE H 60 -5.32 -18.00 -8.44
CA ILE H 60 -4.68 -16.78 -7.95
C ILE H 60 -5.61 -16.11 -6.95
N VAL H 61 -5.02 -15.52 -5.91
CA VAL H 61 -5.80 -14.84 -4.89
C VAL H 61 -6.28 -13.51 -5.44
N THR H 62 -7.60 -13.35 -5.53
CA THR H 62 -8.17 -12.14 -6.07
C THR H 62 -8.07 -11.01 -5.04
N ALA H 63 -8.50 -9.81 -5.46
CA ALA H 63 -8.58 -8.70 -4.54
C ALA H 63 -9.65 -8.98 -3.50
N ALA H 64 -9.35 -8.65 -2.25
CA ALA H 64 -10.34 -8.82 -1.20
C ALA H 64 -11.54 -7.92 -1.46
N THR H 65 -12.73 -8.46 -1.22
CA THR H 65 -13.95 -7.72 -1.48
C THR H 65 -13.97 -6.44 -0.64
N ASP H 66 -13.93 -5.30 -1.32
CA ASP H 66 -13.99 -3.98 -0.70
C ASP H 66 -12.83 -3.77 0.27
N ASN H 67 -11.71 -4.48 0.07
CA ASN H 67 -10.61 -4.33 1.01
C ASN H 67 -9.24 -4.35 0.34
N GLY H 68 -9.14 -4.15 -0.96
CA GLY H 68 -7.85 -4.26 -1.62
C GLY H 68 -7.80 -3.52 -2.93
N TYR H 69 -6.66 -3.68 -3.61
CA TYR H 69 -6.42 -3.01 -4.88
C TYR H 69 -5.35 -3.77 -5.66
N TYR H 70 -5.18 -3.39 -6.92
CA TYR H 70 -4.27 -4.07 -7.82
C TYR H 70 -3.22 -3.10 -8.36
N LEU H 71 -2.02 -3.62 -8.59
CA LEU H 71 -0.98 -2.92 -9.31
C LEU H 71 -0.40 -3.85 -10.38
N LEU H 72 -0.20 -3.32 -11.58
CA LEU H 72 0.28 -4.10 -12.71
C LEU H 72 1.55 -3.45 -13.26
N PHE H 73 2.55 -4.28 -13.56
CA PHE H 73 3.81 -3.82 -14.12
C PHE H 73 4.08 -4.53 -15.43
N ILE H 74 4.30 -3.74 -16.49
CA ILE H 74 4.71 -4.26 -17.79
C ILE H 74 5.95 -3.50 -18.22
N ASN H 75 7.07 -4.21 -18.36
CA ASN H 75 8.34 -3.61 -18.74
C ASN H 75 8.70 -2.41 -17.88
N GLY H 76 8.30 -2.43 -16.60
CA GLY H 76 8.62 -1.35 -15.70
C GLY H 76 7.75 -0.12 -15.84
N ALA H 77 6.70 -0.17 -16.64
CA ALA H 77 5.80 0.96 -16.82
C ALA H 77 4.47 0.62 -16.15
N PHE H 78 4.01 1.49 -15.26
CA PHE H 78 2.78 1.23 -14.55
C PHE H 78 1.58 1.44 -15.48
N GLN H 79 0.51 0.70 -15.22
CA GLN H 79 -0.62 0.67 -16.14
C GLN H 79 -1.91 1.10 -15.44
N GLU H 80 -3.00 1.11 -16.21
CA GLU H 80 -4.32 1.47 -15.70
C GLU H 80 -5.09 0.23 -15.27
N THR H 81 -6.13 0.48 -14.48
CA THR H 81 -7.12 -0.57 -14.18
C THR H 81 -7.81 -1.02 -15.47
N SER H 82 -8.15 -0.07 -16.34
CA SER H 82 -8.91 -0.39 -17.55
C SER H 82 -8.14 -1.29 -18.51
N LEU H 83 -6.80 -1.25 -18.46
CA LEU H 83 -6.01 -1.99 -19.44
C LEU H 83 -6.12 -3.50 -19.29
N PHE H 84 -6.56 -3.99 -18.14
CA PHE H 84 -6.56 -5.43 -17.91
C PHE H 84 -7.68 -5.79 -16.96
N THR H 85 -8.09 -7.05 -17.02
CA THR H 85 -9.08 -7.61 -16.12
C THR H 85 -8.48 -8.83 -15.44
N VAL H 86 -8.76 -8.99 -14.16
CA VAL H 86 -8.22 -10.08 -13.36
C VAL H 86 -9.38 -10.95 -12.89
N ALA H 87 -9.32 -12.24 -13.20
CA ALA H 87 -10.30 -13.19 -12.72
C ALA H 87 -9.60 -14.32 -12.00
N ALA H 88 -10.37 -15.23 -11.40
CA ALA H 88 -9.77 -16.32 -10.64
C ALA H 88 -8.98 -17.26 -11.55
N SER H 89 -9.60 -17.69 -12.66
CA SER H 89 -9.02 -18.72 -13.50
C SER H 89 -8.14 -18.17 -14.61
N GLN H 90 -8.09 -16.85 -14.81
CA GLN H 90 -7.31 -16.32 -15.92
C GLN H 90 -7.08 -14.83 -15.73
N VAL H 91 -6.07 -14.33 -16.44
CA VAL H 91 -5.75 -12.91 -16.51
C VAL H 91 -5.58 -12.55 -17.97
N ARG H 92 -6.23 -11.48 -18.41
CA ARG H 92 -6.14 -11.07 -19.81
C ARG H 92 -5.90 -9.57 -19.90
N ILE H 93 -5.09 -9.18 -20.89
CA ILE H 93 -4.73 -7.80 -21.14
C ILE H 93 -4.88 -7.51 -22.63
N THR H 94 -5.41 -6.34 -22.94
CA THR H 94 -5.60 -5.91 -24.32
C THR H 94 -4.58 -4.83 -24.69
N GLN H 95 -4.57 -4.46 -25.97
CA GLN H 95 -3.50 -3.65 -26.56
C GLN H 95 -2.12 -4.21 -26.21
N THR H 96 -1.88 -5.47 -26.56
CA THR H 96 -0.59 -6.11 -26.34
C THR H 96 0.10 -6.51 -27.64
N SER H 97 -0.16 -5.77 -28.72
CA SER H 97 0.45 -6.12 -30.00
C SER H 97 1.94 -5.89 -30.00
N LEU H 98 2.40 -4.79 -29.41
CA LEU H 98 3.79 -4.37 -29.56
C LEU H 98 4.72 -4.86 -28.45
N VAL H 99 4.18 -5.43 -27.39
CA VAL H 99 5.03 -5.87 -26.26
C VAL H 99 5.89 -7.03 -26.72
N PRO H 100 7.19 -7.04 -26.40
CA PRO H 100 8.11 -8.00 -26.98
C PRO H 100 8.09 -9.35 -26.24
N THR H 101 8.86 -10.29 -26.78
CA THR H 101 8.93 -11.63 -26.24
C THR H 101 9.78 -11.66 -24.97
N SER H 102 9.49 -12.61 -24.09
CA SER H 102 10.22 -12.84 -22.85
C SER H 102 10.14 -11.65 -21.91
N ALA H 103 9.15 -10.79 -22.09
CA ALA H 103 9.04 -9.60 -21.29
C ALA H 103 8.61 -9.94 -19.87
N PRO H 104 9.00 -9.12 -18.88
CA PRO H 104 8.55 -9.35 -17.52
C PRO H 104 7.22 -8.65 -17.25
N ILE H 105 6.27 -9.43 -16.74
CA ILE H 105 4.97 -8.91 -16.33
C ILE H 105 4.81 -9.19 -14.85
N THR H 106 4.51 -8.16 -14.06
CA THR H 106 4.35 -8.30 -12.63
C THR H 106 2.99 -7.76 -12.22
N LEU H 107 2.25 -8.57 -11.47
CA LEU H 107 0.92 -8.22 -11.00
C LEU H 107 0.94 -8.24 -9.47
N VAL H 108 0.52 -7.15 -8.85
CA VAL H 108 0.63 -6.97 -7.41
C VAL H 108 -0.77 -6.94 -6.82
N VAL H 109 -1.00 -7.79 -5.82
CA VAL H 109 -2.27 -7.86 -5.11
C VAL H 109 -2.02 -7.46 -3.67
N ASN H 110 -2.60 -6.34 -3.27
CA ASN H 110 -2.55 -5.89 -1.88
C ASN H 110 -3.89 -6.20 -1.23
N ASN H 111 -3.89 -7.12 -0.27
CA ASN H 111 -5.09 -7.46 0.47
C ASN H 111 -4.86 -7.15 1.93
N PHE H 112 -5.84 -6.49 2.56
CA PHE H 112 -5.77 -6.12 3.96
C PHE H 112 -6.89 -6.83 4.72
N ALA H 113 -6.55 -7.41 5.85
CA ALA H 113 -7.51 -8.10 6.70
C ALA H 113 -7.34 -7.56 8.12
N PRO H 114 -7.87 -6.38 8.39
CA PRO H 114 -7.68 -5.77 9.71
C PRO H 114 -8.34 -6.57 10.81
N THR H 115 -7.78 -6.46 12.01
CA THR H 115 -8.34 -7.06 13.20
C THR H 115 -8.34 -6.02 14.32
N SER H 116 -9.29 -6.16 15.23
CA SER H 116 -9.39 -5.23 16.35
C SER H 116 -10.03 -5.94 17.54
N THR H 117 -9.49 -5.67 18.72
CA THR H 117 -10.05 -6.17 19.97
C THR H 117 -10.19 -4.99 20.94
N SER H 118 -11.19 -5.07 21.82
CA SER H 118 -11.53 -3.94 22.66
C SER H 118 -11.89 -4.43 24.05
N THR H 119 -11.78 -3.52 25.02
CA THR H 119 -12.16 -3.77 26.40
C THR H 119 -13.00 -2.59 26.89
N THR H 120 -14.00 -2.89 27.71
CA THR H 120 -14.91 -1.87 28.20
C THR H 120 -15.01 -1.98 29.71
N THR H 121 -14.85 -0.85 30.39
CA THR H 121 -14.97 -0.77 31.84
C THR H 121 -16.15 0.12 32.18
N VAL H 122 -17.06 -0.39 33.01
CA VAL H 122 -18.24 0.35 33.43
C VAL H 122 -18.20 0.50 34.94
N ARG H 123 -18.40 1.72 35.42
CA ARG H 123 -18.44 1.99 36.85
C ARG H 123 -19.81 2.49 37.23
N SER H 124 -20.16 2.30 38.50
CA SER H 124 -21.46 2.73 39.00
C SER H 124 -21.31 3.80 40.07
N THR I 3 18.75 12.69 -3.88
CA THR I 3 18.67 14.13 -4.07
C THR I 3 18.65 14.41 -5.58
N SER I 4 18.97 13.38 -6.36
CA SER I 4 19.09 13.53 -7.80
C SER I 4 18.15 12.55 -8.49
N LEU I 5 17.80 12.88 -9.73
CA LEU I 5 16.96 12.00 -10.52
C LEU I 5 17.67 10.68 -10.80
N PHE I 6 16.92 9.60 -10.73
CA PHE I 6 17.45 8.25 -10.90
C PHE I 6 17.05 7.75 -12.27
N LYS I 7 18.02 7.28 -13.05
CA LYS I 7 17.78 6.79 -14.40
C LYS I 7 18.32 5.37 -14.56
N LEU I 8 17.70 4.64 -15.48
CA LEU I 8 18.07 3.27 -15.76
C LEU I 8 19.36 3.26 -16.56
N VAL I 9 20.30 2.40 -16.18
CA VAL I 9 21.57 2.28 -16.87
C VAL I 9 21.52 1.06 -17.78
N MET I 10 21.82 1.28 -19.06
CA MET I 10 21.87 0.21 -20.04
C MET I 10 22.96 0.53 -21.05
N SER I 11 23.45 -0.49 -21.73
CA SER I 11 24.52 -0.31 -22.70
C SER I 11 24.38 -1.38 -23.79
N ALA I 12 25.08 -1.15 -24.90
CA ALA I 12 24.92 -1.97 -26.09
C ALA I 12 26.28 -2.33 -26.66
N THR I 13 26.25 -3.17 -27.69
CA THR I 13 27.44 -3.57 -28.42
C THR I 13 27.06 -3.79 -29.87
N THR I 14 27.87 -3.27 -30.79
CA THR I 14 27.56 -3.30 -32.21
C THR I 14 28.73 -3.92 -32.96
N SER I 15 28.41 -4.83 -33.89
CA SER I 15 29.39 -5.45 -34.76
C SER I 15 29.03 -5.10 -36.20
N THR I 16 30.02 -4.67 -36.97
CA THR I 16 29.81 -4.20 -38.33
C THR I 16 30.77 -4.88 -39.28
N THR I 17 30.25 -5.37 -40.41
CA THR I 17 31.04 -5.97 -41.47
C THR I 17 30.85 -5.16 -42.73
N THR I 18 31.97 -4.83 -43.40
CA THR I 18 31.94 -3.98 -44.58
C THR I 18 32.64 -4.67 -45.73
N ASP I 19 31.99 -4.69 -46.88
CA ASP I 19 32.59 -5.17 -48.13
C ASP I 19 32.61 -4.04 -49.13
N THR I 20 33.77 -3.80 -49.74
CA THR I 20 33.87 -2.73 -50.72
C THR I 20 33.00 -3.02 -51.93
N ASN I 21 32.97 -4.27 -52.37
CA ASN I 21 32.22 -4.69 -53.55
C ASN I 21 32.64 -3.79 -54.73
N PRO I 22 33.83 -3.99 -55.27
CA PRO I 22 34.23 -3.19 -56.42
C PRO I 22 33.67 -3.79 -57.71
N GLU I 23 33.41 -2.92 -58.67
CA GLU I 23 33.22 -3.33 -60.05
C GLU I 23 33.96 -2.34 -60.93
N VAL I 24 34.69 -2.85 -61.91
CA VAL I 24 35.59 -2.05 -62.73
C VAL I 24 35.15 -2.16 -64.18
N GLU I 25 34.99 -1.01 -64.83
CA GLU I 25 34.62 -0.96 -66.24
C GLU I 25 35.85 -0.65 -67.07
N ARG I 26 36.04 -1.43 -68.14
CA ARG I 26 37.15 -1.22 -69.06
C ARG I 26 36.62 -0.98 -70.45
N TYR I 27 37.25 -0.06 -71.16
CA TYR I 27 36.84 0.30 -72.50
C TYR I 27 38.06 0.40 -73.39
N PHE I 28 37.87 0.16 -74.68
CA PHE I 28 38.97 0.08 -75.64
C PHE I 28 38.60 0.84 -76.91
N TYR I 29 39.62 1.38 -77.56
CA TYR I 29 39.43 2.11 -78.80
C TYR I 29 40.74 2.11 -79.59
N ARG I 30 40.61 1.99 -80.90
CA ARG I 30 41.74 2.09 -81.82
C ARG I 30 41.58 3.38 -82.62
N LEU I 31 42.65 4.18 -82.66
CA LEU I 31 42.56 5.53 -83.19
C LEU I 31 42.57 5.50 -84.71
N ASN I 32 41.53 5.97 -85.30
CA ASN I 32 41.62 6.24 -86.71
C ASN I 32 41.60 7.73 -86.97
N PRO I 33 42.18 8.20 -88.06
CA PRO I 33 42.17 9.65 -88.32
C PRO I 33 40.82 10.10 -88.86
N ALA I 34 39.75 9.65 -88.21
CA ALA I 34 38.39 10.00 -88.63
C ALA I 34 37.78 11.04 -87.71
N GLN I 35 37.76 10.78 -86.41
CA GLN I 35 37.24 11.74 -85.44
C GLN I 35 38.34 12.67 -84.94
N ARG I 36 39.07 13.25 -85.89
CA ARG I 36 40.31 13.95 -85.62
C ARG I 36 40.20 15.36 -86.18
N THR I 37 40.75 16.32 -85.45
CA THR I 37 40.59 17.73 -85.78
C THR I 37 41.86 18.47 -85.37
N SER I 38 41.78 19.80 -85.30
CA SER I 38 42.93 20.64 -84.99
C SER I 38 43.35 20.45 -83.54
N GLY I 39 44.11 19.38 -83.28
CA GLY I 39 44.60 19.10 -81.96
C GLY I 39 43.49 18.76 -80.98
N THR I 40 42.51 17.98 -81.44
CA THR I 40 41.42 17.55 -80.58
C THR I 40 40.85 16.24 -81.09
N LEU I 41 40.47 15.34 -80.17
CA LEU I 41 40.03 14.00 -80.52
C LEU I 41 38.77 13.68 -79.74
N THR I 42 37.62 13.85 -80.37
CA THR I 42 36.33 13.54 -79.75
C THR I 42 35.89 12.18 -80.27
N ILE I 43 35.85 11.20 -79.38
CA ILE I 43 35.53 9.83 -79.74
C ILE I 43 34.06 9.57 -79.38
N PRO I 44 33.22 9.16 -80.32
CA PRO I 44 31.84 8.83 -79.98
C PRO I 44 31.77 7.67 -79.01
N SER I 45 30.80 7.73 -78.11
CA SER I 45 30.64 6.69 -77.11
C SER I 45 30.23 5.35 -77.70
N THR I 46 29.81 5.32 -78.97
CA THR I 46 29.39 4.09 -79.61
C THR I 46 30.56 3.25 -80.12
N SER I 47 31.76 3.82 -80.20
CA SER I 47 32.90 3.14 -80.79
C SER I 47 33.72 2.35 -79.80
N PHE I 48 33.36 2.36 -78.52
CA PHE I 48 34.14 1.65 -77.52
C PHE I 48 33.70 0.20 -77.43
N THR I 49 34.63 -0.66 -77.00
CA THR I 49 34.36 -2.07 -76.79
C THR I 49 34.50 -2.39 -75.31
N ASN I 50 33.57 -3.18 -74.79
CA ASN I 50 33.49 -3.42 -73.36
C ASN I 50 34.57 -4.40 -72.91
N SER I 51 34.51 -4.77 -71.63
CA SER I 51 35.42 -5.75 -71.07
C SER I 51 35.11 -7.17 -71.52
N SER I 52 34.01 -7.38 -72.21
CA SER I 52 33.68 -8.67 -72.79
C SER I 52 34.13 -8.80 -74.23
N GLY I 53 34.85 -7.81 -74.75
CA GLY I 53 35.21 -7.83 -76.16
C GLY I 53 34.07 -7.47 -77.08
N ALA I 54 33.02 -6.85 -76.58
CA ALA I 54 31.86 -6.48 -77.37
C ALA I 54 31.70 -4.96 -77.38
N ALA I 55 31.16 -4.45 -78.48
CA ALA I 55 30.93 -3.01 -78.58
C ALA I 55 29.85 -2.57 -77.60
N VAL I 56 30.07 -1.41 -77.00
CA VAL I 56 29.08 -0.85 -76.09
C VAL I 56 27.89 -0.33 -76.90
N THR I 57 26.70 -0.40 -76.30
CA THR I 57 25.46 -0.12 -77.01
C THR I 57 25.01 1.33 -76.87
N SER I 58 24.75 1.77 -75.65
CA SER I 58 24.11 3.07 -75.45
C SER I 58 24.99 4.09 -74.75
N ASN I 59 25.62 3.72 -73.63
CA ASN I 59 26.36 4.72 -72.88
C ASN I 59 27.50 4.06 -72.12
N ILE I 60 28.47 4.88 -71.75
CA ILE I 60 29.58 4.47 -70.92
C ILE I 60 29.25 4.79 -69.47
N VAL I 61 29.66 3.91 -68.56
CA VAL I 61 29.40 4.12 -67.14
C VAL I 61 30.37 5.17 -66.62
N THR I 62 29.84 6.30 -66.18
CA THR I 62 30.67 7.39 -65.70
C THR I 62 31.24 7.03 -64.33
N ALA I 63 32.09 7.92 -63.82
CA ALA I 63 32.61 7.76 -62.47
C ALA I 63 31.47 7.90 -61.47
N ALA I 64 31.45 6.99 -60.49
CA ALA I 64 30.44 7.09 -59.45
C ALA I 64 30.61 8.40 -58.69
N THR I 65 29.49 9.01 -58.34
CA THR I 65 29.53 10.29 -57.64
C THR I 65 30.22 10.13 -56.30
N ASP I 66 31.36 10.81 -56.15
CA ASP I 66 32.12 10.83 -54.91
C ASP I 66 32.58 9.43 -54.50
N ASN I 67 32.70 8.50 -55.46
CA ASN I 67 33.08 7.16 -55.09
C ASN I 67 34.02 6.49 -56.10
N GLY I 68 34.67 7.25 -56.98
CA GLY I 68 35.46 6.61 -58.01
C GLY I 68 36.53 7.53 -58.57
N TYR I 69 37.25 7.01 -59.56
CA TYR I 69 38.34 7.74 -60.19
C TYR I 69 38.58 7.18 -61.58
N TYR I 70 39.40 7.89 -62.35
CA TYR I 70 39.67 7.56 -63.73
C TYR I 70 41.16 7.32 -63.95
N LEU I 71 41.47 6.39 -64.85
CA LEU I 71 42.81 6.19 -65.37
C LEU I 71 42.75 6.11 -66.89
N LEU I 72 43.66 6.80 -67.56
CA LEU I 72 43.67 6.88 -69.01
C LEU I 72 45.02 6.42 -69.54
N PHE I 73 44.99 5.57 -70.57
CA PHE I 73 46.20 5.03 -71.18
C PHE I 73 46.23 5.39 -72.65
N ILE I 74 47.32 6.02 -73.09
CA ILE I 74 47.57 6.30 -74.50
C ILE I 74 48.96 5.80 -74.83
N ASN I 75 49.03 4.83 -75.76
CA ASN I 75 50.30 4.25 -76.17
C ASN I 75 51.13 3.76 -74.98
N GLY I 76 50.45 3.31 -73.93
CA GLY I 76 51.14 2.80 -72.77
C GLY I 76 51.70 3.86 -71.84
N ALA I 77 51.44 5.14 -72.10
CA ALA I 77 51.93 6.21 -71.26
C ALA I 77 50.75 6.78 -70.48
N PHE I 78 50.91 6.87 -69.16
CA PHE I 78 49.85 7.38 -68.31
C PHE I 78 49.66 8.87 -68.58
N GLN I 79 48.45 9.36 -68.33
CA GLN I 79 48.11 10.73 -68.67
C GLN I 79 47.54 11.49 -67.48
N GLU I 80 47.30 12.78 -67.69
CA GLU I 80 46.70 13.66 -66.71
C GLU I 80 45.18 13.61 -66.77
N THR I 81 44.54 13.91 -65.64
CA THR I 81 43.09 14.06 -65.64
C THR I 81 42.68 15.30 -66.44
N SER I 82 43.56 16.31 -66.47
CA SER I 82 43.25 17.53 -67.21
C SER I 82 43.25 17.32 -68.72
N LEU I 83 44.03 16.36 -69.20
CA LEU I 83 44.17 16.16 -70.64
C LEU I 83 42.88 15.73 -71.32
N PHE I 84 41.90 15.25 -70.58
CA PHE I 84 40.69 14.70 -71.19
C PHE I 84 39.50 14.95 -70.29
N THR I 85 38.32 14.94 -70.90
CA THR I 85 37.06 15.02 -70.19
C THR I 85 36.18 13.87 -70.62
N VAL I 86 35.42 13.31 -69.67
CA VAL I 86 34.59 12.14 -69.91
C VAL I 86 33.14 12.52 -69.67
N ALA I 87 32.30 12.29 -70.67
CA ALA I 87 30.87 12.51 -70.53
C ALA I 87 30.11 11.23 -70.83
N ALA I 88 28.81 11.23 -70.56
CA ALA I 88 28.02 10.01 -70.78
C ALA I 88 27.97 9.64 -72.26
N SER I 89 27.80 10.63 -73.13
CA SER I 89 27.60 10.37 -74.54
C SER I 89 28.87 10.47 -75.38
N GLN I 90 29.98 10.91 -74.79
CA GLN I 90 31.18 11.11 -75.59
C GLN I 90 32.40 11.24 -74.69
N VAL I 91 33.57 11.08 -75.30
CA VAL I 91 34.87 11.28 -74.66
C VAL I 91 35.71 12.11 -75.61
N ARG I 92 36.38 13.13 -75.08
CA ARG I 92 37.22 13.97 -75.91
C ARG I 92 38.55 14.24 -75.21
N ILE I 93 39.62 14.31 -76.01
CA ILE I 93 40.97 14.54 -75.52
C ILE I 93 41.62 15.60 -76.40
N THR I 94 42.39 16.48 -75.77
CA THR I 94 43.13 17.52 -76.48
C THR I 94 44.57 17.07 -76.68
N GLN I 95 45.31 17.89 -77.44
CA GLN I 95 46.73 17.67 -77.71
C GLN I 95 46.97 16.33 -78.41
N THR I 96 46.09 15.98 -79.33
CA THR I 96 46.18 14.72 -80.06
C THR I 96 46.67 14.90 -81.49
N SER I 97 47.52 15.90 -81.73
CA SER I 97 48.02 16.11 -83.08
C SER I 97 49.00 15.02 -83.50
N LEU I 98 49.85 14.57 -82.59
CA LEU I 98 50.96 13.70 -82.95
C LEU I 98 50.68 12.22 -82.77
N VAL I 99 49.61 11.86 -82.09
CA VAL I 99 49.32 10.44 -81.83
C VAL I 99 49.03 9.73 -83.16
N PRO I 100 49.60 8.57 -83.40
CA PRO I 100 49.53 7.94 -84.72
C PRO I 100 48.24 7.16 -84.93
N THR I 101 48.09 6.62 -86.14
CA THR I 101 46.91 5.88 -86.52
C THR I 101 46.90 4.50 -85.89
N SER I 102 45.70 3.97 -85.65
CA SER I 102 45.49 2.62 -85.11
C SER I 102 46.08 2.46 -83.72
N ALA I 103 46.39 3.56 -83.05
CA ALA I 103 47.00 3.49 -81.74
C ALA I 103 46.00 3.00 -80.70
N PRO I 104 46.48 2.36 -79.63
CA PRO I 104 45.56 1.91 -78.58
C PRO I 104 45.34 2.98 -77.53
N ILE I 105 44.08 3.18 -77.17
CA ILE I 105 43.69 4.07 -76.09
C ILE I 105 42.84 3.27 -75.11
N THR I 106 43.22 3.29 -73.84
CA THR I 106 42.53 2.54 -72.81
C THR I 106 42.03 3.49 -71.73
N LEU I 107 40.74 3.38 -71.42
CA LEU I 107 40.11 4.17 -70.37
C LEU I 107 39.69 3.24 -69.25
N VAL I 108 40.15 3.53 -68.04
CA VAL I 108 39.89 2.68 -66.88
C VAL I 108 38.98 3.44 -65.93
N VAL I 109 37.84 2.86 -65.61
CA VAL I 109 36.86 3.45 -64.71
C VAL I 109 36.71 2.52 -63.52
N ASN I 110 37.07 3.01 -62.34
CA ASN I 110 36.92 2.27 -61.10
C ASN I 110 35.72 2.82 -60.35
N ASN I 111 34.79 1.94 -59.99
CA ASN I 111 33.63 2.31 -59.21
C ASN I 111 33.56 1.39 -57.99
N PHE I 112 33.26 1.98 -56.84
CA PHE I 112 33.12 1.24 -55.59
C PHE I 112 31.72 1.47 -55.04
N ALA I 113 31.05 0.38 -54.66
CA ALA I 113 29.72 0.44 -54.07
C ALA I 113 29.75 -0.35 -52.78
N PRO I 114 30.31 0.22 -51.73
CA PRO I 114 30.43 -0.52 -50.46
C PRO I 114 29.08 -0.85 -49.87
N THR I 115 29.04 -1.96 -49.16
CA THR I 115 27.87 -2.38 -48.41
C THR I 115 28.29 -2.78 -47.01
N SER I 116 27.38 -2.64 -46.06
CA SER I 116 27.68 -2.98 -44.68
C SER I 116 26.39 -3.31 -43.96
N THR I 117 26.44 -4.35 -43.13
CA THR I 117 25.33 -4.75 -42.28
C THR I 117 25.84 -4.91 -40.86
N SER I 118 24.99 -4.62 -39.89
CA SER I 118 25.42 -4.55 -38.51
C SER I 118 24.37 -5.18 -37.61
N THR I 119 24.82 -5.61 -36.42
CA THR I 119 23.96 -6.16 -35.40
C THR I 119 24.28 -5.47 -34.07
N THR I 120 23.26 -5.24 -33.27
CA THR I 120 23.41 -4.56 -31.99
C THR I 120 22.77 -5.39 -30.90
N THR I 121 23.51 -5.61 -29.82
CA THR I 121 23.03 -6.37 -28.67
C THR I 121 22.93 -5.42 -27.47
N VAL I 122 21.75 -5.38 -26.85
CA VAL I 122 21.51 -4.52 -25.70
C VAL I 122 21.14 -5.40 -24.52
N ARG I 123 21.82 -5.19 -23.39
CA ARG I 123 21.53 -5.93 -22.17
C ARG I 123 21.07 -4.97 -21.09
N SER I 124 20.30 -5.50 -20.14
CA SER I 124 19.76 -4.69 -19.06
C SER I 124 20.53 -4.90 -17.77
#